data_2GSK
#
_entry.id   2GSK
#
_cell.length_a   74.340
_cell.length_b   82.439
_cell.length_c   122.632
_cell.angle_alpha   90.000
_cell.angle_beta   90.000
_cell.angle_gamma   90.000
#
_symmetry.space_group_name_H-M   'P 21 21 21'
#
loop_
_entity.id
_entity.type
_entity.pdbx_description
1 polymer 'Vitamin B12 transporter btuB'
2 polymer 'protein TONB'
3 non-polymer 'CALCIUM ION'
4 non-polymer CYANOCOBALAMIN
5 non-polymer 'LAURYL DIMETHYLAMINE-N-OXIDE'
6 non-polymer N-OCTANE
7 non-polymer HEXANE
8 water water
#
loop_
_entity_poly.entity_id
_entity_poly.type
_entity_poly.pdbx_seq_one_letter_code
_entity_poly.pdbx_strand_id
1 'polypeptide(L)'
;PDTLVVTANRFEQPRSTVLAPTTVVTRQDIDRWQSTSVNDVLRRLPGVDITQNGGSGQLSSIFIRGTNASHVLVLIDGVR
LNLAGVSGSADLSQFPIALVQRVEYIRGPRSAVYGSDAIGGVVNIITTRDEPGTEISAGWGSNSYQNYDVSTQQQLGDKT
RVTLLGDYAHTHGYDVVAYGNTGTQAQTDNDGFLSKTLYGALEHNFTDAWSGFVRGYGYDNRTNYDAYYSPGSPLLDTRK
LYSQSWDAGLRYNGELIKSQLITSYSHSKDYNYDPHYGRYDSSATLDEMKQYTVQWANNVIVGHGSIGAGVDWQKQTTTP
GTGYVEDGYDQRNTGIYLTGLQQVGDFTFEGAARSDDNSQFGRHGTWQTSAGWEFIEGYRFIASYGTSYKAPNLGQLYGF
YGNPNLDPEKSKQWEGAFEGLTAGVNWRISGYRNDVSDLIDYDDHTLKYYNEGKARIKGVEATANFDTGPLTHTVSYDYV
DARNAITDTPLLRRAKQQVKYQLDWQLYDFDWGITYQYLGTRYDKDYSSYPYQTVKMGGVSLWDLAVAYPVTSHLTVRGK
IANLFDKDYETVYGYQTAGREYTLSGSYTF
;
A
2 'polypeptide(L)'
;PRALSRNQPQYPARAQALRIEGQVKVKFDVTPDGRVDNVQILSAKPANMFEREVKNAMRRWRYEPGKPGSGIVVNILFKI
N
;
B
#
# COMPACT_ATOMS: atom_id res chain seq x y z
N PRO A 1 31.50 -22.84 14.36
CA PRO A 1 30.55 -21.90 13.72
C PRO A 1 30.58 -20.54 14.42
N ASP A 2 30.45 -19.46 13.66
CA ASP A 2 30.30 -18.15 14.21
C ASP A 2 28.82 -18.07 14.69
N THR A 3 28.56 -17.23 15.70
CA THR A 3 27.19 -16.85 16.14
C THR A 3 26.94 -15.40 15.80
N LEU A 4 25.87 -15.08 15.06
CA LEU A 4 25.40 -13.68 14.89
C LEU A 4 24.31 -13.46 15.89
N VAL A 5 24.11 -12.23 16.32
CA VAL A 5 23.12 -11.99 17.33
C VAL A 5 22.25 -10.88 16.81
N VAL A 6 20.95 -11.15 16.70
CA VAL A 6 20.00 -10.15 16.27
C VAL A 6 19.17 -9.74 17.49
N THR A 7 19.21 -8.46 17.86
CA THR A 7 18.42 -7.92 18.97
C THR A 7 17.27 -7.05 18.44
N ALA A 8 16.07 -7.28 18.99
CA ALA A 8 14.89 -6.51 18.62
C ALA A 8 15.16 -5.03 18.85
N ASN A 9 14.90 -4.23 17.83
CA ASN A 9 15.00 -2.77 17.92
C ASN A 9 13.80 -2.23 18.72
N ARG A 10 14.07 -1.62 19.88
CA ARG A 10 13.01 -1.07 20.78
C ARG A 10 12.20 0.06 20.16
N PHE A 11 12.76 0.73 19.15
CA PHE A 11 12.12 1.88 18.52
C PHE A 11 11.17 1.50 17.41
N GLU A 12 11.03 0.20 17.19
CA GLU A 12 9.99 -0.32 16.32
C GLU A 12 8.76 -0.67 17.13
N GLN A 13 7.63 -0.12 16.72
CA GLN A 13 6.37 -0.52 17.33
C GLN A 13 5.69 -1.43 16.29
N PRO A 14 5.72 -2.77 16.50
CA PRO A 14 4.90 -3.62 15.57
C PRO A 14 3.39 -3.48 15.90
N ARG A 15 2.53 -3.64 14.90
CA ARG A 15 1.09 -3.45 15.11
C ARG A 15 0.54 -4.73 15.76
N SER A 16 -0.64 -4.66 16.40
CA SER A 16 -1.36 -5.90 16.87
C SER A 16 -2.20 -6.52 15.72
N THR A 17 -1.56 -6.89 14.63
CA THR A 17 -2.26 -7.46 13.53
C THR A 17 -1.44 -8.70 13.10
N VAL A 18 -0.73 -9.29 14.05
CA VAL A 18 0.16 -10.37 13.75
C VAL A 18 -0.60 -11.55 13.23
N LEU A 19 -1.86 -11.63 13.62
CA LEU A 19 -2.74 -12.67 13.12
C LEU A 19 -3.44 -12.32 11.76
N ALA A 20 -3.37 -11.08 11.30
CA ALA A 20 -4.11 -10.64 10.07
C ALA A 20 -3.22 -11.00 8.84
N PRO A 21 -3.81 -11.19 7.63
CA PRO A 21 -2.92 -11.19 6.41
C PRO A 21 -2.47 -9.79 6.07
N THR A 22 -1.14 -9.62 6.03
CA THR A 22 -0.50 -8.37 5.86
C THR A 22 0.69 -8.52 4.92
N THR A 23 1.05 -7.43 4.25
CA THR A 23 2.26 -7.39 3.45
C THR A 23 2.99 -6.11 3.82
N VAL A 24 4.32 -6.16 3.91
CA VAL A 24 5.15 -4.94 3.97
C VAL A 24 6.00 -4.90 2.74
N VAL A 25 6.05 -3.72 2.16
CA VAL A 25 6.97 -3.42 1.05
C VAL A 25 7.95 -2.35 1.62
N THR A 26 9.24 -2.61 1.44
CA THR A 26 10.31 -1.75 1.79
C THR A 26 10.83 -1.05 0.60
N ARG A 27 11.74 -0.14 0.87
CA ARG A 27 12.30 0.69 -0.22
C ARG A 27 13.25 -0.14 -1.07
N GLN A 28 13.78 -1.23 -0.51
CA GLN A 28 14.54 -2.16 -1.29
C GLN A 28 13.66 -2.87 -2.35
N ASP A 29 12.40 -3.18 -2.00
CA ASP A 29 11.48 -3.78 -2.95
C ASP A 29 11.19 -2.79 -4.05
N ILE A 30 10.84 -1.58 -3.69
CA ILE A 30 10.46 -0.57 -4.65
C ILE A 30 11.57 -0.22 -5.62
N ASP A 31 12.77 0.07 -5.10
CA ASP A 31 13.97 0.25 -5.90
C ASP A 31 14.18 -0.88 -6.95
N ARG A 32 14.17 -2.12 -6.52
CA ARG A 32 14.36 -3.28 -7.33
C ARG A 32 13.31 -3.37 -8.43
N TRP A 33 12.04 -3.15 -8.03
CA TRP A 33 10.87 -3.24 -8.95
C TRP A 33 10.82 -2.12 -9.94
N GLN A 34 11.55 -1.05 -9.64
CA GLN A 34 11.63 0.14 -10.45
C GLN A 34 10.23 0.77 -10.70
N SER A 35 9.37 0.67 -9.73
CA SER A 35 8.04 1.28 -9.71
C SER A 35 8.06 2.79 -9.88
N THR A 36 7.27 3.32 -10.82
CA THR A 36 7.15 4.77 -10.99
C THR A 36 5.85 5.32 -10.42
N SER A 37 5.07 4.47 -9.78
CA SER A 37 3.80 4.90 -9.21
C SER A 37 3.50 4.00 -8.11
N VAL A 38 2.66 4.47 -7.19
CA VAL A 38 2.19 3.66 -6.09
C VAL A 38 1.30 2.48 -6.51
N ASN A 39 0.58 2.67 -7.63
CA ASN A 39 -0.22 1.56 -8.14
C ASN A 39 0.61 0.36 -8.60
N ASP A 40 1.74 0.65 -9.24
CA ASP A 40 2.66 -0.43 -9.64
C ASP A 40 3.16 -1.26 -8.50
N VAL A 41 3.37 -0.64 -7.35
CA VAL A 41 3.53 -1.34 -6.06
C VAL A 41 2.36 -2.19 -5.50
N LEU A 42 1.18 -1.57 -5.34
CA LEU A 42 0.08 -2.31 -4.74
C LEU A 42 -0.44 -3.38 -5.63
N ARG A 43 -0.30 -3.24 -6.95
CA ARG A 43 -0.85 -4.34 -7.83
C ARG A 43 -0.14 -5.70 -7.68
N ARG A 44 1.05 -5.70 -7.07
CA ARG A 44 1.85 -6.89 -6.89
C ARG A 44 1.31 -7.72 -5.76
N LEU A 45 0.44 -7.13 -4.92
CA LEU A 45 0.22 -7.70 -3.58
C LEU A 45 -1.08 -8.52 -3.44
N PRO A 46 -1.13 -9.48 -2.52
CA PRO A 46 -2.29 -10.36 -2.53
C PRO A 46 -3.61 -9.64 -2.18
N GLY A 47 -4.70 -9.99 -2.84
CA GLY A 47 -6.00 -9.42 -2.51
C GLY A 47 -6.28 -8.10 -3.22
N VAL A 48 -5.28 -7.53 -3.87
CA VAL A 48 -5.35 -6.24 -4.46
C VAL A 48 -5.67 -6.35 -5.96
N ASP A 49 -6.70 -5.63 -6.45
CA ASP A 49 -7.07 -5.56 -7.87
C ASP A 49 -7.09 -4.06 -8.25
N ILE A 50 -6.18 -3.63 -9.05
CA ILE A 50 -6.14 -2.23 -9.44
C ILE A 50 -6.68 -2.02 -10.87
N THR A 51 -7.62 -1.09 -11.01
CA THR A 51 -7.93 -0.58 -12.36
C THR A 51 -7.48 0.84 -12.59
N GLN A 52 -7.41 1.27 -13.85
CA GLN A 52 -6.92 2.62 -14.13
C GLN A 52 -7.45 3.21 -15.44
N ASN A 53 -7.91 4.46 -15.32
CA ASN A 53 -8.48 5.19 -16.42
C ASN A 53 -7.36 5.77 -17.31
N GLY A 54 -6.47 4.88 -17.77
CA GLY A 54 -5.30 5.22 -18.54
C GLY A 54 -3.95 4.78 -17.99
N GLY A 55 -3.05 5.73 -17.83
CA GLY A 55 -1.73 5.41 -17.43
C GLY A 55 -1.27 6.35 -16.37
N SER A 56 0.00 6.76 -16.43
CA SER A 56 0.57 7.52 -15.29
C SER A 56 -0.23 8.76 -15.10
N GLY A 57 -0.73 8.90 -13.88
CA GLY A 57 -1.36 10.13 -13.46
C GLY A 57 -2.86 10.12 -13.58
N GLN A 58 -3.39 9.25 -14.43
CA GLN A 58 -4.85 9.13 -14.60
C GLN A 58 -5.41 8.34 -13.49
N LEU A 59 -6.74 8.46 -13.23
CA LEU A 59 -7.37 7.88 -12.04
C LEU A 59 -7.15 6.37 -11.94
N SER A 60 -6.74 5.90 -10.75
CA SER A 60 -6.70 4.52 -10.48
C SER A 60 -7.66 4.20 -9.34
N SER A 61 -8.21 3.01 -9.41
CA SER A 61 -9.11 2.46 -8.41
C SER A 61 -8.54 1.18 -7.83
N ILE A 62 -8.77 0.95 -6.52
CA ILE A 62 -8.22 -0.18 -5.75
C ILE A 62 -9.36 -0.94 -5.10
N PHE A 63 -9.55 -2.16 -5.56
CA PHE A 63 -10.47 -3.13 -5.02
C PHE A 63 -9.76 -4.19 -4.27
N ILE A 64 -9.82 -4.10 -2.93
CA ILE A 64 -9.37 -5.08 -2.06
C ILE A 64 -10.46 -6.09 -1.71
N ARG A 65 -10.11 -7.35 -1.93
CA ARG A 65 -10.94 -8.48 -1.69
C ARG A 65 -12.41 -8.30 -2.10
N GLY A 66 -12.57 -7.87 -3.33
CA GLY A 66 -13.83 -7.72 -3.97
C GLY A 66 -14.60 -6.50 -3.56
N THR A 67 -14.06 -5.64 -2.67
CA THR A 67 -14.88 -4.55 -2.15
C THR A 67 -14.78 -3.37 -3.08
N ASN A 68 -15.58 -2.35 -2.88
CA ASN A 68 -15.53 -1.19 -3.77
C ASN A 68 -14.28 -0.32 -3.59
N ALA A 69 -14.02 0.51 -4.58
CA ALA A 69 -12.91 1.44 -4.59
C ALA A 69 -12.85 2.36 -3.38
N SER A 70 -13.98 2.67 -2.74
CA SER A 70 -13.95 3.56 -1.58
C SER A 70 -13.82 2.74 -0.29
N HIS A 71 -13.75 1.43 -0.42
CA HIS A 71 -13.68 0.59 0.75
C HIS A 71 -12.25 0.32 1.26
N VAL A 72 -11.30 0.76 0.52
CA VAL A 72 -9.95 0.72 0.99
C VAL A 72 -9.69 2.04 1.76
N LEU A 73 -9.21 1.88 2.98
CA LEU A 73 -8.74 3.00 3.80
C LEU A 73 -7.28 3.29 3.53
N VAL A 74 -6.98 4.48 3.00
CA VAL A 74 -5.64 4.86 2.63
C VAL A 74 -5.13 5.87 3.67
N LEU A 75 -4.05 5.46 4.35
CA LEU A 75 -3.35 6.31 5.32
C LEU A 75 -1.97 6.73 4.87
N ILE A 76 -1.56 7.95 5.25
CA ILE A 76 -0.18 8.41 5.05
C ILE A 76 0.36 8.63 6.48
N ASP A 77 1.35 7.83 6.85
CA ASP A 77 1.90 7.81 8.23
C ASP A 77 0.81 7.69 9.28
N GLY A 78 -0.21 6.90 9.00
CA GLY A 78 -1.20 6.60 10.03
C GLY A 78 -2.41 7.53 10.05
N VAL A 79 -2.41 8.51 9.18
CA VAL A 79 -3.46 9.52 9.04
C VAL A 79 -4.08 9.47 7.64
N ARG A 80 -5.41 9.55 7.55
CA ARG A 80 -6.12 9.52 6.26
C ARG A 80 -5.61 10.47 5.24
N LEU A 81 -5.29 10.02 4.03
CA LEU A 81 -4.99 10.91 2.92
C LEU A 81 -6.24 11.78 2.63
N ASN A 82 -6.05 13.05 2.37
CA ASN A 82 -7.13 14.00 2.00
C ASN A 82 -7.89 13.44 0.87
N LEU A 83 -9.17 13.26 1.11
CA LEU A 83 -10.11 12.73 0.12
C LEU A 83 -11.42 13.58 0.10
N ALA A 84 -11.54 14.53 -0.84
CA ALA A 84 -12.63 15.54 -0.81
C ALA A 84 -13.74 15.20 -1.81
N GLY A 85 -13.53 14.19 -2.61
CA GLY A 85 -14.40 13.99 -3.74
C GLY A 85 -15.72 13.36 -3.38
N VAL A 86 -16.72 13.55 -4.20
CA VAL A 86 -18.04 12.91 -3.91
C VAL A 86 -17.95 11.39 -4.03
N SER A 87 -17.13 10.85 -4.94
CA SER A 87 -17.07 9.38 -5.09
C SER A 87 -16.64 8.66 -3.83
N GLY A 88 -15.85 9.36 -3.01
CA GLY A 88 -15.20 8.82 -1.81
C GLY A 88 -14.04 7.85 -2.11
N SER A 89 -13.55 7.79 -3.34
CA SER A 89 -12.51 6.84 -3.64
C SER A 89 -11.18 7.57 -3.79
N ALA A 90 -10.18 7.02 -3.11
CA ALA A 90 -8.73 7.42 -3.21
C ALA A 90 -8.18 7.16 -4.59
N ASP A 91 -7.41 8.12 -5.07
CA ASP A 91 -6.71 8.04 -6.32
C ASP A 91 -5.21 8.05 -6.01
N LEU A 92 -4.58 6.89 -5.94
CA LEU A 92 -3.19 6.84 -5.52
C LEU A 92 -2.25 7.04 -6.70
N SER A 93 -2.80 7.36 -7.86
CA SER A 93 -1.98 7.79 -8.99
C SER A 93 -1.36 9.12 -8.69
N GLN A 94 -1.94 9.86 -7.79
CA GLN A 94 -1.47 11.19 -7.51
C GLN A 94 -0.43 11.27 -6.36
N PHE A 95 -0.31 10.23 -5.55
CA PHE A 95 0.66 10.23 -4.47
C PHE A 95 1.99 9.92 -5.05
N PRO A 96 2.99 10.79 -4.82
CA PRO A 96 4.30 10.55 -5.44
C PRO A 96 5.07 9.33 -4.84
N ILE A 97 5.46 8.43 -5.73
CA ILE A 97 6.31 7.31 -5.37
C ILE A 97 7.62 7.71 -4.64
N ALA A 98 8.16 8.90 -4.87
CA ALA A 98 9.40 9.37 -4.25
C ALA A 98 9.26 9.59 -2.76
N LEU A 99 8.02 9.71 -2.26
CA LEU A 99 7.79 9.82 -0.85
C LEU A 99 7.57 8.48 -0.17
N VAL A 100 7.42 7.43 -0.93
CA VAL A 100 7.06 6.14 -0.33
C VAL A 100 8.32 5.40 0.18
N GLN A 101 8.53 5.30 1.51
CA GLN A 101 9.67 4.51 1.98
C GLN A 101 9.28 3.14 2.46
N ARG A 102 8.02 2.93 2.75
CA ARG A 102 7.49 1.64 3.13
C ARG A 102 6.00 1.60 2.87
N VAL A 103 5.46 0.46 2.48
CA VAL A 103 4.05 0.30 2.50
C VAL A 103 3.66 -0.75 3.41
N GLU A 104 2.73 -0.46 4.32
CA GLU A 104 2.10 -1.47 5.14
C GLU A 104 0.65 -1.75 4.74
N TYR A 105 0.32 -3.01 4.43
CA TYR A 105 -0.94 -3.33 3.74
C TYR A 105 -1.62 -4.42 4.48
N ILE A 106 -2.83 -4.18 4.97
CA ILE A 106 -3.68 -5.29 5.53
C ILE A 106 -5.04 -5.48 4.84
N ARG A 107 -5.55 -6.72 4.84
CA ARG A 107 -6.82 -7.05 4.26
C ARG A 107 -7.62 -7.98 5.15
N GLY A 108 -8.95 -7.91 5.03
CA GLY A 108 -9.85 -8.82 5.74
C GLY A 108 -10.40 -8.19 6.98
N PRO A 109 -11.04 -8.99 7.81
CA PRO A 109 -11.82 -8.54 8.95
C PRO A 109 -11.06 -7.72 9.95
N ARG A 110 -9.71 -7.84 10.02
CA ARG A 110 -8.96 -7.14 11.07
C ARG A 110 -8.55 -5.75 10.67
N SER A 111 -8.64 -5.41 9.37
CA SER A 111 -8.29 -4.12 8.85
C SER A 111 -8.90 -2.89 9.59
N ALA A 112 -10.11 -3.03 10.09
CA ALA A 112 -10.82 -1.91 10.66
C ALA A 112 -10.31 -1.45 12.05
N VAL A 113 -9.37 -2.14 12.63
CA VAL A 113 -8.63 -1.52 13.76
C VAL A 113 -8.05 -0.14 13.41
N TYR A 114 -7.56 0.06 12.18
CA TYR A 114 -7.09 1.38 11.75
C TYR A 114 -8.20 2.39 11.43
N GLY A 115 -9.44 2.02 11.53
CA GLY A 115 -10.56 2.99 11.23
C GLY A 115 -11.73 2.16 10.72
N SER A 116 -12.87 2.41 11.29
CA SER A 116 -13.99 1.53 11.10
C SER A 116 -14.47 1.40 9.65
N ASP A 117 -14.06 2.32 8.77
CA ASP A 117 -14.47 2.32 7.35
C ASP A 117 -13.54 1.56 6.38
N ALA A 118 -12.51 0.86 6.92
CA ALA A 118 -11.71 -0.04 6.13
C ALA A 118 -12.49 -1.36 5.99
N ILE A 119 -13.56 -1.31 5.19
CA ILE A 119 -14.30 -2.48 4.75
C ILE A 119 -13.40 -3.54 3.99
N GLY A 120 -12.58 -3.13 3.05
CA GLY A 120 -11.80 -4.08 2.28
C GLY A 120 -10.43 -4.27 2.91
N GLY A 121 -9.74 -3.14 3.07
CA GLY A 121 -8.39 -3.17 3.59
C GLY A 121 -7.90 -1.83 4.00
N VAL A 122 -6.60 -1.82 4.41
CA VAL A 122 -5.88 -0.60 4.76
C VAL A 122 -4.61 -0.57 4.07
N VAL A 123 -4.35 0.56 3.40
CA VAL A 123 -3.02 0.80 2.79
C VAL A 123 -2.37 1.97 3.59
N ASN A 124 -1.27 1.70 4.30
CA ASN A 124 -0.52 2.68 5.04
C ASN A 124 0.81 2.98 4.39
N ILE A 125 0.87 4.15 3.77
CA ILE A 125 2.06 4.68 3.18
C ILE A 125 2.92 5.40 4.18
N ILE A 126 4.13 4.86 4.45
CA ILE A 126 5.08 5.45 5.44
C ILE A 126 6.11 6.32 4.69
N THR A 127 6.22 7.61 4.97
CA THR A 127 7.14 8.45 4.28
C THR A 127 8.55 8.62 4.94
N THR A 128 8.77 7.99 6.06
CA THR A 128 9.99 8.23 6.83
C THR A 128 10.83 6.92 6.75
N ARG A 129 12.13 7.05 6.68
CA ARG A 129 13.04 5.91 6.79
C ARG A 129 14.23 6.22 7.70
N ASP A 130 14.96 5.21 8.14
CA ASP A 130 16.26 5.38 8.86
C ASP A 130 17.36 4.83 7.95
N GLU A 131 17.91 5.73 7.15
CA GLU A 131 18.89 5.36 6.15
C GLU A 131 19.76 6.59 5.96
N PRO A 132 20.84 6.71 6.76
CA PRO A 132 21.79 7.81 6.69
C PRO A 132 22.39 7.95 5.30
N GLY A 133 22.71 9.16 4.87
CA GLY A 133 23.32 9.27 3.54
C GLY A 133 22.54 10.10 2.56
N THR A 134 23.09 10.15 1.36
CA THR A 134 22.56 10.95 0.28
C THR A 134 22.35 10.04 -0.91
N GLU A 135 21.25 10.26 -1.63
CA GLU A 135 21.03 9.63 -2.93
C GLU A 135 20.61 10.58 -3.98
N ILE A 136 21.34 10.54 -5.09
CA ILE A 136 20.96 11.26 -6.27
C ILE A 136 20.58 10.24 -7.34
N SER A 137 19.39 10.41 -7.91
CA SER A 137 18.85 9.50 -8.91
C SER A 137 18.14 10.18 -10.05
N ALA A 138 18.10 9.47 -11.17
CA ALA A 138 17.78 10.06 -12.54
C ALA A 138 17.32 8.94 -13.39
N GLY A 139 16.40 9.23 -14.30
CA GLY A 139 15.85 8.14 -15.09
C GLY A 139 15.11 8.64 -16.27
N TRP A 140 15.07 7.82 -17.31
CA TRP A 140 14.41 8.16 -18.57
C TRP A 140 13.75 6.92 -19.07
N GLY A 141 12.62 7.10 -19.72
CA GLY A 141 11.90 5.98 -20.31
C GLY A 141 11.03 6.36 -21.49
N SER A 142 10.28 5.38 -21.95
CA SER A 142 9.24 5.58 -23.00
C SER A 142 8.33 6.78 -22.70
N ASN A 143 7.81 7.39 -23.78
CA ASN A 143 6.83 8.49 -23.75
C ASN A 143 7.40 9.73 -23.05
N SER A 144 8.67 9.97 -23.29
CA SER A 144 9.45 11.09 -22.74
C SER A 144 9.48 11.15 -21.22
N TYR A 145 9.31 10.02 -20.55
CA TYR A 145 9.39 9.91 -19.10
C TYR A 145 10.77 10.48 -18.64
N GLN A 146 10.77 11.23 -17.55
CA GLN A 146 12.00 11.75 -16.95
C GLN A 146 11.76 11.96 -15.47
N ASN A 147 12.77 11.66 -14.66
CA ASN A 147 12.72 11.72 -13.22
C ASN A 147 14.14 12.14 -12.76
N TYR A 148 14.15 13.04 -11.76
CA TYR A 148 15.30 13.58 -11.14
C TYR A 148 14.89 13.64 -9.70
N ASP A 149 15.73 13.09 -8.82
CA ASP A 149 15.51 13.01 -7.39
C ASP A 149 16.79 13.20 -6.61
N VAL A 150 16.72 14.01 -5.53
CA VAL A 150 17.78 14.06 -4.51
C VAL A 150 17.14 13.93 -3.15
N SER A 151 17.76 13.12 -2.30
CA SER A 151 17.34 13.01 -0.91
C SER A 151 18.55 12.76 0.01
N THR A 152 18.49 13.25 1.23
CA THR A 152 19.56 13.17 2.16
C THR A 152 18.97 13.01 3.54
N GLN A 153 19.70 12.29 4.36
CA GLN A 153 19.35 12.19 5.78
C GLN A 153 20.62 12.30 6.57
N GLN A 154 20.72 13.29 7.44
CA GLN A 154 21.98 13.69 8.06
C GLN A 154 21.77 14.10 9.50
N GLN A 155 22.83 13.96 10.28
CA GLN A 155 22.83 14.35 11.66
C GLN A 155 23.01 15.88 11.68
N LEU A 156 22.14 16.58 12.37
CA LEU A 156 22.21 18.05 12.45
C LEU A 156 22.79 18.44 13.83
N GLY A 157 22.76 17.49 14.75
CA GLY A 157 23.53 17.46 15.96
C GLY A 157 23.50 15.98 16.40
N ASP A 158 24.04 15.73 17.59
CA ASP A 158 24.27 14.36 18.06
C ASP A 158 23.01 13.61 18.39
N LYS A 159 21.96 14.36 18.76
CA LYS A 159 20.61 13.81 19.00
C LYS A 159 19.50 14.39 18.04
N THR A 160 19.90 14.93 16.90
CA THR A 160 19.01 15.62 15.99
C THR A 160 19.31 15.21 14.56
N ARG A 161 18.27 14.75 13.84
CA ARG A 161 18.46 14.35 12.45
C ARG A 161 17.55 15.17 11.53
N VAL A 162 18.05 15.46 10.34
CA VAL A 162 17.33 16.16 9.28
C VAL A 162 17.31 15.26 8.02
N THR A 163 16.12 15.13 7.43
CA THR A 163 15.84 14.51 6.11
C THR A 163 15.20 15.50 5.17
N LEU A 164 15.79 15.60 3.98
CA LEU A 164 15.34 16.43 2.88
C LEU A 164 15.14 15.60 1.61
N LEU A 165 14.18 15.98 0.79
CA LEU A 165 13.98 15.35 -0.47
C LEU A 165 13.33 16.29 -1.45
N GLY A 166 13.85 16.27 -2.67
CA GLY A 166 13.14 16.83 -3.82
C GLY A 166 13.04 15.84 -4.97
N ASP A 167 11.90 15.85 -5.68
CA ASP A 167 11.68 14.98 -6.84
C ASP A 167 10.94 15.70 -7.92
N TYR A 168 11.41 15.50 -9.13
CA TYR A 168 10.69 15.92 -10.35
C TYR A 168 10.49 14.72 -11.24
N ALA A 169 9.21 14.45 -11.62
CA ALA A 169 8.83 13.39 -12.61
C ALA A 169 7.87 13.99 -13.70
N HIS A 170 8.14 13.68 -14.96
CA HIS A 170 7.40 14.14 -16.11
C HIS A 170 7.27 12.98 -17.08
N THR A 171 6.08 12.81 -17.65
CA THR A 171 5.86 12.08 -18.89
C THR A 171 4.85 12.75 -19.81
N HIS A 172 5.11 12.60 -21.11
CA HIS A 172 4.13 12.94 -22.15
C HIS A 172 2.97 11.97 -22.24
N GLY A 173 3.13 10.74 -21.74
CA GLY A 173 2.10 9.80 -21.72
C GLY A 173 1.68 9.43 -23.14
N TYR A 174 0.52 8.79 -23.23
CA TYR A 174 -0.05 8.33 -24.46
C TYR A 174 -1.57 8.71 -24.46
N ASP A 175 -2.24 8.50 -25.57
CA ASP A 175 -3.61 8.87 -25.72
C ASP A 175 -4.47 7.88 -24.96
N VAL A 176 -5.14 8.26 -23.87
CA VAL A 176 -5.90 7.28 -23.14
C VAL A 176 -7.21 6.82 -23.86
N VAL A 177 -7.61 7.56 -24.89
CA VAL A 177 -8.84 7.37 -25.73
C VAL A 177 -10.16 7.65 -25.00
N ALA A 178 -10.39 6.98 -23.88
CA ALA A 178 -11.57 7.15 -23.06
C ALA A 178 -12.81 6.84 -23.97
N TYR A 179 -12.77 5.74 -24.69
CA TYR A 179 -13.85 5.36 -25.55
C TYR A 179 -15.17 5.22 -24.82
N GLY A 180 -16.15 5.90 -25.44
CA GLY A 180 -17.54 6.06 -24.98
C GLY A 180 -17.81 7.18 -23.96
N ASN A 181 -16.78 7.98 -23.66
CA ASN A 181 -16.83 8.96 -22.55
C ASN A 181 -16.43 10.32 -23.01
N THR A 182 -16.17 10.46 -24.32
CA THR A 182 -15.65 11.68 -24.88
C THR A 182 -16.67 12.47 -25.68
N GLY A 183 -17.96 12.11 -25.52
CA GLY A 183 -19.08 12.81 -26.11
C GLY A 183 -19.01 12.81 -27.63
N THR A 184 -18.99 13.99 -28.24
CA THR A 184 -19.17 14.10 -29.66
C THR A 184 -17.88 13.90 -30.44
N GLN A 185 -16.74 14.00 -29.75
CA GLN A 185 -15.48 13.88 -30.44
C GLN A 185 -14.31 13.46 -29.57
N ALA A 186 -13.56 12.46 -30.07
CA ALA A 186 -12.37 11.92 -29.43
C ALA A 186 -11.23 12.95 -29.42
N GLN A 187 -10.41 12.89 -28.37
CA GLN A 187 -9.30 13.80 -28.22
C GLN A 187 -8.00 13.01 -28.34
N THR A 188 -7.33 13.05 -29.49
CA THR A 188 -6.19 12.17 -29.83
C THR A 188 -4.83 12.65 -29.25
N ASP A 189 -4.86 13.76 -28.51
CA ASP A 189 -3.75 14.17 -27.69
C ASP A 189 -3.23 13.04 -26.82
N ASN A 190 -1.91 13.01 -26.69
CA ASN A 190 -1.20 12.34 -25.61
C ASN A 190 -1.57 12.96 -24.29
N ASP A 191 -1.85 12.09 -23.31
CA ASP A 191 -2.31 12.54 -22.00
C ASP A 191 -1.24 12.31 -20.95
N GLY A 192 -0.44 13.35 -20.68
CA GLY A 192 0.71 13.21 -19.75
C GLY A 192 0.45 13.58 -18.28
N PHE A 193 1.54 13.53 -17.51
CA PHE A 193 1.56 13.75 -16.08
C PHE A 193 2.87 14.40 -15.65
N LEU A 194 2.74 15.51 -14.94
CA LEU A 194 3.87 16.19 -14.29
C LEU A 194 3.66 16.30 -12.77
N SER A 195 4.67 15.82 -11.99
CA SER A 195 4.56 15.74 -10.56
C SER A 195 5.89 16.31 -9.99
N LYS A 196 5.82 17.32 -9.14
CA LYS A 196 6.97 17.91 -8.42
C LYS A 196 6.72 17.72 -6.94
N THR A 197 7.71 17.24 -6.17
CA THR A 197 7.60 17.00 -4.71
C THR A 197 8.70 17.59 -3.91
N LEU A 198 8.38 18.00 -2.70
CA LEU A 198 9.36 18.50 -1.77
C LEU A 198 9.05 18.00 -0.36
N TYR A 199 10.08 17.67 0.44
CA TYR A 199 9.88 17.06 1.76
C TYR A 199 11.00 17.41 2.71
N GLY A 200 10.64 17.74 3.94
CA GLY A 200 11.61 17.99 4.95
C GLY A 200 11.12 17.43 6.26
N ALA A 201 12.01 16.84 7.03
CA ALA A 201 11.70 16.40 8.39
C ALA A 201 12.87 16.65 9.39
N LEU A 202 12.52 16.85 10.67
CA LEU A 202 13.47 17.14 11.72
C LEU A 202 13.06 16.28 12.90
N GLU A 203 13.96 15.35 13.31
CA GLU A 203 13.71 14.49 14.46
C GLU A 203 14.79 14.74 15.56
N HIS A 204 14.37 14.68 16.80
CA HIS A 204 15.23 15.05 17.90
C HIS A 204 14.90 14.19 19.06
N ASN A 205 15.94 13.59 19.64
CA ASN A 205 15.86 12.82 20.85
C ASN A 205 16.18 13.69 22.03
N PHE A 206 15.17 13.97 22.85
CA PHE A 206 15.38 14.76 24.07
C PHE A 206 16.13 13.94 25.13
N THR A 207 15.78 12.66 25.21
CA THR A 207 16.51 11.68 26.00
C THR A 207 16.57 10.42 25.17
N ASP A 208 17.03 9.32 25.74
CA ASP A 208 16.99 8.05 25.00
C ASP A 208 15.47 7.61 24.71
N ALA A 209 14.58 7.94 25.65
CA ALA A 209 13.15 7.59 25.65
C ALA A 209 12.19 8.59 24.93
N TRP A 210 12.47 9.89 25.06
CA TRP A 210 11.63 10.96 24.62
C TRP A 210 12.21 11.53 23.36
N SER A 211 11.39 11.55 22.32
CA SER A 211 11.71 12.13 21.06
C SER A 211 10.61 13.06 20.53
N GLY A 212 11.01 13.92 19.61
CA GLY A 212 10.12 14.86 18.99
C GLY A 212 10.44 14.92 17.50
N PHE A 213 9.42 15.18 16.68
CA PHE A 213 9.61 15.42 15.26
C PHE A 213 8.71 16.54 14.72
N VAL A 214 9.14 17.17 13.64
CA VAL A 214 8.28 18.05 12.86
C VAL A 214 8.61 17.80 11.40
N ARG A 215 7.59 17.73 10.58
CA ARG A 215 7.72 17.39 9.16
C ARG A 215 6.74 18.17 8.34
N GLY A 216 7.14 18.43 7.11
CA GLY A 216 6.35 19.09 6.15
C GLY A 216 6.66 18.56 4.77
N TYR A 217 5.62 18.40 3.94
CA TYR A 217 5.83 18.11 2.51
C TYR A 217 4.66 18.51 1.66
N GLY A 218 4.92 18.64 0.35
CA GLY A 218 3.90 18.86 -0.60
C GLY A 218 4.29 18.44 -2.00
N TYR A 219 3.29 18.35 -2.85
CA TYR A 219 3.47 18.10 -4.26
C TYR A 219 2.41 18.83 -5.04
N ASP A 220 2.69 18.96 -6.33
CA ASP A 220 1.95 19.75 -7.31
C ASP A 220 1.94 18.84 -8.51
N ASN A 221 0.75 18.33 -8.91
CA ASN A 221 0.61 17.33 -9.98
C ASN A 221 -0.29 18.01 -11.04
N ARG A 222 0.10 17.95 -12.31
CA ARG A 222 -0.78 18.32 -13.40
C ARG A 222 -0.92 17.07 -14.26
N THR A 223 -2.18 16.68 -14.52
CA THR A 223 -2.55 15.55 -15.35
C THR A 223 -3.47 15.98 -16.51
N ASN A 224 -3.18 15.45 -17.70
CA ASN A 224 -4.09 15.59 -18.82
C ASN A 224 -4.86 14.29 -18.97
N TYR A 225 -6.15 14.45 -19.32
CA TYR A 225 -7.00 13.31 -19.65
C TYR A 225 -7.94 13.70 -20.83
N ASP A 226 -8.92 12.83 -21.09
CA ASP A 226 -9.90 13.03 -22.18
C ASP A 226 -11.28 13.12 -21.52
N ALA A 227 -12.15 14.01 -22.03
CA ALA A 227 -13.44 14.23 -21.43
C ALA A 227 -14.55 14.49 -22.47
N TYR A 228 -15.77 14.52 -21.94
CA TYR A 228 -16.97 14.79 -22.73
C TYR A 228 -16.87 16.07 -23.54
N TYR A 229 -16.86 15.92 -24.88
CA TYR A 229 -16.82 17.09 -25.70
C TYR A 229 -18.17 17.48 -26.35
N SER A 230 -18.61 18.70 -26.08
CA SER A 230 -19.75 19.33 -26.74
C SER A 230 -19.24 20.61 -27.42
N PRO A 231 -19.48 20.74 -28.73
CA PRO A 231 -18.94 21.91 -29.40
C PRO A 231 -19.60 23.16 -28.80
N GLY A 232 -18.77 24.18 -28.56
CA GLY A 232 -19.23 25.47 -28.01
C GLY A 232 -19.30 25.54 -26.50
N SER A 233 -18.93 24.44 -25.81
CA SER A 233 -18.86 24.35 -24.35
C SER A 233 -17.42 24.03 -23.83
N PRO A 234 -17.16 24.38 -22.57
CA PRO A 234 -15.89 24.01 -21.94
C PRO A 234 -15.68 22.49 -21.95
N LEU A 235 -14.44 22.14 -22.22
CA LEU A 235 -13.94 20.74 -22.23
C LEU A 235 -12.97 20.64 -21.02
N LEU A 236 -13.40 20.06 -19.91
CA LEU A 236 -12.61 19.93 -18.67
C LEU A 236 -11.79 18.65 -18.81
N ASP A 237 -10.53 18.88 -19.07
CA ASP A 237 -9.55 18.08 -19.73
C ASP A 237 -8.21 17.88 -18.97
N THR A 238 -8.03 18.67 -17.93
CA THR A 238 -6.78 18.80 -17.26
C THR A 238 -7.13 18.97 -15.83
N ARG A 239 -6.27 18.45 -14.96
CA ARG A 239 -6.35 18.46 -13.50
C ARG A 239 -5.05 19.03 -12.93
N LYS A 240 -5.21 19.91 -11.94
CA LYS A 240 -4.08 20.48 -11.21
C LYS A 240 -4.40 20.18 -9.78
N LEU A 241 -3.54 19.38 -9.13
CA LEU A 241 -3.72 18.98 -7.76
C LEU A 241 -2.53 19.53 -6.97
N TYR A 242 -2.82 20.25 -5.90
CA TYR A 242 -1.82 20.77 -4.99
C TYR A 242 -2.13 20.14 -3.69
N SER A 243 -1.09 19.67 -3.02
CA SER A 243 -1.23 19.09 -1.69
C SER A 243 -0.05 19.43 -0.78
N GLN A 244 -0.37 19.73 0.46
CA GLN A 244 0.66 19.89 1.46
C GLN A 244 0.25 19.34 2.80
N SER A 245 1.19 18.67 3.51
CA SER A 245 0.98 18.15 4.84
C SER A 245 2.10 18.50 5.84
N TRP A 246 1.69 18.75 7.06
CA TRP A 246 2.57 19.21 8.13
C TRP A 246 2.13 18.38 9.29
N ASP A 247 3.11 17.80 9.99
CA ASP A 247 2.92 16.87 11.13
C ASP A 247 3.96 17.34 12.23
N ALA A 248 3.64 17.09 13.49
CA ALA A 248 4.53 17.36 14.66
C ALA A 248 4.15 16.33 15.72
N GLY A 249 5.11 15.88 16.48
CA GLY A 249 4.84 14.83 17.43
C GLY A 249 5.87 14.61 18.54
N LEU A 250 5.40 13.98 19.61
CA LEU A 250 6.16 13.63 20.76
C LEU A 250 5.88 12.16 20.91
N ARG A 251 6.96 11.40 21.18
CA ARG A 251 6.97 9.96 21.51
C ARG A 251 7.75 9.68 22.77
N TYR A 252 7.16 8.90 23.65
CA TYR A 252 7.81 8.21 24.72
C TYR A 252 7.99 6.75 24.28
N ASN A 253 9.24 6.29 24.38
CA ASN A 253 9.57 4.94 24.00
C ASN A 253 10.36 4.23 25.08
N GLY A 254 9.66 3.64 26.02
CA GLY A 254 10.27 2.83 27.04
C GLY A 254 10.31 1.37 26.70
N GLU A 255 10.85 0.61 27.66
CA GLU A 255 11.02 -0.83 27.52
C GLU A 255 9.66 -1.46 27.44
N LEU A 256 8.74 -1.07 28.33
CA LEU A 256 7.42 -1.70 28.36
C LEU A 256 6.26 -0.80 27.88
N ILE A 257 6.44 0.52 27.93
CA ILE A 257 5.42 1.47 27.52
C ILE A 257 5.90 2.35 26.40
N LYS A 258 5.03 2.54 25.43
CA LYS A 258 5.28 3.41 24.32
C LYS A 258 4.02 4.24 24.12
N SER A 259 4.23 5.54 23.90
CA SER A 259 3.20 6.52 23.77
C SER A 259 3.60 7.52 22.70
N GLN A 260 2.61 7.89 21.85
CA GLN A 260 2.80 8.99 20.95
C GLN A 260 1.62 9.93 20.86
N LEU A 261 1.95 11.19 20.68
CA LEU A 261 0.98 12.26 20.59
C LEU A 261 1.36 12.98 19.36
N ILE A 262 0.47 12.88 18.37
CA ILE A 262 0.81 13.46 17.05
C ILE A 262 -0.29 14.36 16.52
N THR A 263 0.16 15.46 15.93
CA THR A 263 -0.74 16.49 15.38
C THR A 263 -0.45 16.71 13.90
N SER A 264 -1.50 16.62 13.04
CA SER A 264 -1.30 16.61 11.58
C SER A 264 -2.25 17.64 10.94
N TYR A 265 -1.77 18.29 9.90
CA TYR A 265 -2.58 19.18 9.07
C TYR A 265 -2.21 18.88 7.62
N SER A 266 -3.27 18.68 6.82
CA SER A 266 -3.19 18.52 5.43
C SER A 266 -4.19 19.44 4.68
N HIS A 267 -3.72 20.11 3.63
CA HIS A 267 -4.48 21.00 2.78
C HIS A 267 -4.29 20.57 1.33
N SER A 268 -5.40 20.21 0.66
CA SER A 268 -5.45 19.76 -0.72
C SER A 268 -6.35 20.68 -1.58
N LYS A 269 -5.95 20.97 -2.82
CA LYS A 269 -6.78 21.68 -3.78
C LYS A 269 -6.67 20.88 -5.04
N ASP A 270 -7.83 20.40 -5.52
CA ASP A 270 -7.97 19.61 -6.70
C ASP A 270 -8.89 20.34 -7.74
N TYR A 271 -8.25 20.88 -8.78
CA TYR A 271 -8.90 21.58 -9.88
C TYR A 271 -8.99 20.75 -11.14
N ASN A 272 -10.18 20.75 -11.75
CA ASN A 272 -10.42 20.29 -13.15
C ASN A 272 -10.92 21.41 -14.01
N TYR A 273 -10.27 21.65 -15.12
CA TYR A 273 -10.58 22.82 -15.87
C TYR A 273 -10.23 22.63 -17.34
N ASP A 274 -10.70 23.58 -18.16
CA ASP A 274 -10.39 23.68 -19.58
C ASP A 274 -9.29 24.72 -19.65
N PRO A 275 -8.09 24.33 -20.11
CA PRO A 275 -7.00 25.34 -20.27
C PRO A 275 -7.40 26.61 -21.04
N HIS A 276 -8.34 26.50 -21.98
CA HIS A 276 -8.78 27.62 -22.80
C HIS A 276 -9.73 28.57 -22.08
N TYR A 277 -10.46 28.10 -21.06
CA TYR A 277 -11.30 29.02 -20.27
C TYR A 277 -10.53 29.41 -18.97
N GLY A 278 -9.58 28.59 -18.57
CA GLY A 278 -8.81 28.82 -17.37
C GLY A 278 -9.31 28.12 -16.13
N ARG A 279 -8.39 28.02 -15.17
CA ARG A 279 -8.53 27.29 -13.92
C ARG A 279 -9.41 27.95 -12.83
N TYR A 280 -9.62 29.28 -12.97
CA TYR A 280 -10.51 30.06 -12.09
C TYR A 280 -11.76 30.47 -12.81
N ASP A 281 -11.91 30.09 -14.07
CA ASP A 281 -13.12 30.40 -14.76
C ASP A 281 -14.31 29.72 -14.06
N SER A 282 -15.53 30.21 -14.28
CA SER A 282 -16.76 29.60 -13.75
C SER A 282 -16.94 28.08 -14.13
N SER A 283 -16.31 27.72 -15.26
CA SER A 283 -16.38 26.34 -15.80
C SER A 283 -15.49 25.37 -14.98
N ALA A 284 -14.41 25.83 -14.36
CA ALA A 284 -13.53 24.93 -13.53
C ALA A 284 -14.22 24.40 -12.28
N THR A 285 -13.83 23.21 -11.77
CA THR A 285 -14.30 22.71 -10.47
C THR A 285 -13.10 22.71 -9.55
N LEU A 286 -13.32 22.83 -8.24
CA LEU A 286 -12.27 22.72 -7.16
C LEU A 286 -12.81 21.89 -6.07
N ASP A 287 -12.12 20.78 -5.68
CA ASP A 287 -12.35 20.12 -4.45
C ASP A 287 -11.17 20.55 -3.56
N GLU A 288 -11.48 21.21 -2.43
CA GLU A 288 -10.47 21.66 -1.49
C GLU A 288 -10.85 21.22 -0.10
N MET A 289 -9.89 20.64 0.61
CA MET A 289 -10.06 20.18 1.97
C MET A 289 -8.88 20.58 2.86
N LYS A 290 -9.21 20.97 4.08
CA LYS A 290 -8.25 21.13 5.16
C LYS A 290 -8.66 20.13 6.17
N GLN A 291 -7.74 19.24 6.56
CA GLN A 291 -7.99 18.20 7.52
C GLN A 291 -6.95 18.27 8.65
N TYR A 292 -7.44 18.22 9.87
CA TYR A 292 -6.64 18.42 11.09
C TYR A 292 -6.91 17.16 11.86
N THR A 293 -5.85 16.48 12.33
CA THR A 293 -5.96 15.24 13.06
C THR A 293 -5.04 15.37 14.32
N VAL A 294 -5.50 14.85 15.45
CA VAL A 294 -4.70 14.67 16.63
C VAL A 294 -4.93 13.20 17.07
N GLN A 295 -3.84 12.47 17.20
CA GLN A 295 -3.89 11.11 17.73
C GLN A 295 -3.06 10.96 18.99
N TRP A 296 -3.58 10.20 19.94
CA TRP A 296 -2.79 9.85 21.10
C TRP A 296 -2.93 8.34 21.27
N ALA A 297 -1.83 7.66 21.07
CA ALA A 297 -1.76 6.22 21.04
C ALA A 297 -0.82 5.74 22.15
N ASN A 298 -1.11 4.60 22.74
CA ASN A 298 -0.32 4.03 23.79
C ASN A 298 -0.32 2.52 23.68
N ASN A 299 0.78 1.93 24.05
CA ASN A 299 1.00 0.46 23.99
C ASN A 299 1.80 0.09 25.18
N VAL A 300 1.37 -0.95 25.89
CA VAL A 300 2.03 -1.55 27.04
C VAL A 300 2.34 -3.03 26.78
N ILE A 301 3.60 -3.46 26.93
CA ILE A 301 3.95 -4.85 26.81
C ILE A 301 3.42 -5.58 28.03
N VAL A 302 2.73 -6.69 27.77
CA VAL A 302 2.12 -7.48 28.80
C VAL A 302 2.37 -8.93 28.41
N GLY A 303 3.30 -9.57 29.05
CA GLY A 303 3.53 -11.00 28.82
C GLY A 303 3.93 -11.21 27.42
N HIS A 304 3.38 -12.24 26.80
CA HIS A 304 3.62 -12.54 25.40
C HIS A 304 2.61 -11.83 24.52
N GLY A 305 2.75 -10.52 24.49
CA GLY A 305 1.94 -9.61 23.70
C GLY A 305 1.86 -8.29 24.39
N SER A 306 0.69 -7.66 24.30
CA SER A 306 0.49 -6.25 24.69
C SER A 306 -1.00 -5.87 24.70
N ILE A 307 -1.23 -4.71 25.29
CA ILE A 307 -2.51 -4.01 25.26
C ILE A 307 -2.24 -2.61 24.73
N GLY A 308 -3.08 -2.16 23.81
CA GLY A 308 -2.92 -0.81 23.34
C GLY A 308 -4.22 0.00 23.43
N ALA A 309 -4.11 1.30 23.50
CA ALA A 309 -5.35 2.11 23.60
C ALA A 309 -5.03 3.52 23.17
N GLY A 310 -6.02 4.22 22.65
CA GLY A 310 -5.80 5.60 22.21
C GLY A 310 -7.09 6.29 21.82
N VAL A 311 -6.93 7.55 21.49
CA VAL A 311 -7.99 8.46 21.27
C VAL A 311 -7.52 9.26 20.02
N ASP A 312 -8.48 9.59 19.19
CA ASP A 312 -8.16 10.50 18.07
C ASP A 312 -9.26 11.53 17.81
N TRP A 313 -8.89 12.60 17.10
CA TRP A 313 -9.82 13.71 16.80
C TRP A 313 -9.45 14.11 15.39
N GLN A 314 -10.46 14.21 14.52
CA GLN A 314 -10.26 14.69 13.16
C GLN A 314 -11.36 15.70 12.90
N LYS A 315 -10.98 16.73 12.14
CA LYS A 315 -11.89 17.71 11.61
C LYS A 315 -11.59 17.83 10.13
N GLN A 316 -12.62 17.81 9.27
CA GLN A 316 -12.47 18.14 7.85
C GLN A 316 -13.35 19.31 7.52
N THR A 317 -12.78 20.29 6.82
CA THR A 317 -13.55 21.38 6.28
C THR A 317 -13.25 21.51 4.77
N THR A 318 -14.30 21.66 3.99
CA THR A 318 -14.19 21.80 2.54
C THR A 318 -14.78 23.08 2.11
N THR A 319 -14.23 23.66 1.03
CA THR A 319 -14.73 24.94 0.50
C THR A 319 -15.99 24.79 -0.37
N PRO A 320 -16.76 25.88 -0.57
CA PRO A 320 -17.96 25.79 -1.43
C PRO A 320 -17.75 25.13 -2.81
N GLY A 321 -18.68 24.21 -3.16
CA GLY A 321 -18.63 23.49 -4.39
C GLY A 321 -17.83 22.18 -4.29
N THR A 322 -17.00 22.02 -3.27
CA THR A 322 -16.31 20.71 -3.03
C THR A 322 -17.39 19.61 -2.87
N GLY A 323 -17.23 18.50 -3.58
CA GLY A 323 -18.21 17.42 -3.57
C GLY A 323 -19.56 17.74 -4.13
N TYR A 324 -19.59 18.77 -4.97
CA TYR A 324 -20.79 19.50 -5.38
C TYR A 324 -21.76 19.93 -4.24
N VAL A 325 -21.23 20.14 -3.04
CA VAL A 325 -22.00 20.70 -1.97
C VAL A 325 -21.86 22.21 -2.11
N GLU A 326 -22.99 22.86 -2.42
CA GLU A 326 -22.97 24.30 -2.75
C GLU A 326 -22.04 25.12 -1.83
N ASP A 327 -22.19 24.99 -0.52
CA ASP A 327 -21.41 25.79 0.44
C ASP A 327 -20.26 25.14 1.20
N GLY A 328 -19.92 23.90 0.83
CA GLY A 328 -18.95 23.08 1.51
C GLY A 328 -19.50 22.51 2.79
N TYR A 329 -18.60 21.99 3.61
CA TYR A 329 -19.04 21.40 4.84
C TYR A 329 -17.99 21.37 5.88
N ASP A 330 -18.42 21.07 7.09
CA ASP A 330 -17.54 20.90 8.22
C ASP A 330 -17.92 19.55 8.84
N GLN A 331 -16.90 18.68 8.99
CA GLN A 331 -17.12 17.38 9.60
C GLN A 331 -16.08 17.07 10.69
N ARG A 332 -16.57 16.65 11.86
CA ARG A 332 -15.72 16.35 13.01
C ARG A 332 -15.94 14.93 13.52
N ASN A 333 -14.88 14.29 13.99
CA ASN A 333 -14.94 12.93 14.49
C ASN A 333 -13.99 12.75 15.67
N THR A 334 -14.50 12.08 16.70
CA THR A 334 -13.79 11.74 17.96
C THR A 334 -13.85 10.22 18.08
N GLY A 335 -12.71 9.60 18.30
CA GLY A 335 -12.62 8.14 18.34
C GLY A 335 -11.86 7.64 19.58
N ILE A 336 -12.25 6.49 20.07
CA ILE A 336 -11.46 5.83 21.12
C ILE A 336 -11.34 4.37 20.71
N TYR A 337 -10.19 3.80 20.96
CA TYR A 337 -9.92 2.40 20.66
C TYR A 337 -9.15 1.64 21.72
N LEU A 338 -9.32 0.29 21.74
CA LEU A 338 -8.60 -0.59 22.64
C LEU A 338 -8.16 -1.75 21.78
N THR A 339 -6.96 -2.31 22.00
CA THR A 339 -6.44 -3.50 21.28
C THR A 339 -5.75 -4.38 22.30
N GLY A 340 -5.79 -5.69 22.04
CA GLY A 340 -5.15 -6.71 22.87
C GLY A 340 -4.54 -7.85 22.06
N LEU A 341 -3.42 -8.41 22.55
CA LEU A 341 -2.71 -9.50 21.88
C LEU A 341 -2.06 -10.36 22.93
N GLN A 342 -2.25 -11.69 22.85
CA GLN A 342 -1.63 -12.61 23.80
C GLN A 342 -1.50 -14.01 23.23
N GLN A 343 -0.26 -14.50 23.27
CA GLN A 343 0.02 -15.89 23.01
C GLN A 343 -0.08 -16.63 24.31
N VAL A 344 -0.89 -17.71 24.34
CA VAL A 344 -1.04 -18.58 25.54
C VAL A 344 -0.81 -20.02 25.09
N GLY A 345 0.30 -20.64 25.48
CA GLY A 345 0.63 -21.98 24.95
C GLY A 345 0.66 -22.01 23.42
N ASP A 346 -0.13 -22.89 22.79
CA ASP A 346 -0.16 -22.93 21.32
C ASP A 346 -1.25 -22.06 20.70
N PHE A 347 -1.94 -21.28 21.54
CA PHE A 347 -3.02 -20.39 21.14
C PHE A 347 -2.55 -18.96 21.16
N THR A 348 -2.94 -18.21 20.12
CA THR A 348 -2.80 -16.77 20.09
C THR A 348 -4.16 -16.08 19.88
N PHE A 349 -4.35 -15.00 20.62
CA PHE A 349 -5.59 -14.21 20.60
C PHE A 349 -5.29 -12.79 20.41
N GLU A 350 -6.13 -12.19 19.59
CA GLU A 350 -6.01 -10.80 19.28
C GLU A 350 -7.42 -10.22 19.06
N GLY A 351 -7.57 -8.93 19.39
CA GLY A 351 -8.88 -8.31 19.58
C GLY A 351 -8.70 -6.83 19.54
N ALA A 352 -9.65 -6.13 18.92
CA ALA A 352 -9.68 -4.68 18.92
C ALA A 352 -11.13 -4.22 18.88
N ALA A 353 -11.39 -3.03 19.43
CA ALA A 353 -12.71 -2.46 19.43
C ALA A 353 -12.46 -1.02 19.33
N ARG A 354 -13.28 -0.33 18.58
CA ARG A 354 -13.24 1.12 18.48
C ARG A 354 -14.63 1.76 18.47
N SER A 355 -14.72 3.00 18.99
CA SER A 355 -15.96 3.76 18.88
C SER A 355 -15.64 5.09 18.31
N ASP A 356 -16.48 5.53 17.39
CA ASP A 356 -16.36 6.84 16.80
C ASP A 356 -17.65 7.68 16.97
N ASP A 357 -17.47 8.92 17.43
CA ASP A 357 -18.54 9.92 17.52
C ASP A 357 -18.41 10.96 16.39
N ASN A 358 -19.34 10.92 15.45
CA ASN A 358 -19.33 11.76 14.25
C ASN A 358 -20.35 12.89 14.36
N SER A 359 -19.95 14.12 13.98
CA SER A 359 -20.76 15.35 14.13
C SER A 359 -22.07 15.30 13.31
N GLN A 360 -22.10 14.40 12.34
CA GLN A 360 -23.20 14.22 11.47
C GLN A 360 -23.94 12.92 11.72
N PHE A 361 -23.23 11.84 11.96
CA PHE A 361 -23.86 10.53 11.98
C PHE A 361 -24.04 9.96 13.37
N GLY A 362 -23.47 10.61 14.36
CA GLY A 362 -23.61 10.10 15.70
C GLY A 362 -22.53 9.02 16.02
N ARG A 363 -22.84 8.19 17.00
CA ARG A 363 -21.90 7.26 17.57
C ARG A 363 -22.03 5.86 17.01
N HIS A 364 -20.92 5.27 16.55
CA HIS A 364 -20.91 3.92 16.05
C HIS A 364 -19.69 3.12 16.54
N GLY A 365 -19.93 1.88 16.93
CA GLY A 365 -18.80 1.00 17.29
C GLY A 365 -18.54 -0.16 16.30
N THR A 366 -17.25 -0.52 16.22
CA THR A 366 -16.82 -1.67 15.48
C THR A 366 -15.81 -2.45 16.32
N TRP A 367 -15.64 -3.70 15.95
CA TRP A 367 -14.74 -4.61 16.64
C TRP A 367 -14.33 -5.77 15.79
N GLN A 368 -13.18 -6.35 16.15
CA GLN A 368 -12.66 -7.52 15.47
C GLN A 368 -11.93 -8.39 16.45
N THR A 369 -11.92 -9.69 16.20
CA THR A 369 -11.10 -10.66 16.87
C THR A 369 -10.52 -11.72 15.95
N SER A 370 -9.35 -12.26 16.34
CA SER A 370 -8.70 -13.42 15.77
C SER A 370 -8.25 -14.39 16.91
N ALA A 371 -8.42 -15.68 16.66
CA ALA A 371 -7.90 -16.77 17.47
C ALA A 371 -7.10 -17.71 16.53
N GLY A 372 -5.86 -17.98 16.92
CA GLY A 372 -4.97 -18.86 16.20
C GLY A 372 -4.55 -20.06 17.03
N TRP A 373 -4.35 -21.19 16.35
CA TRP A 373 -3.82 -22.42 16.98
C TRP A 373 -2.69 -23.06 16.18
N GLU A 374 -1.56 -23.31 16.82
CA GLU A 374 -0.46 -23.98 16.16
C GLU A 374 -0.64 -25.39 16.57
N PHE A 375 -1.20 -26.19 15.69
CA PHE A 375 -1.70 -27.51 16.09
C PHE A 375 -0.65 -28.62 15.85
N ILE A 376 0.31 -28.34 14.99
CA ILE A 376 1.50 -29.13 14.73
C ILE A 376 2.60 -28.07 14.59
N GLU A 377 3.81 -28.34 15.09
CA GLU A 377 4.89 -27.33 15.04
C GLU A 377 5.04 -26.78 13.65
N GLY A 378 5.07 -25.47 13.53
CA GLY A 378 5.15 -24.83 12.26
C GLY A 378 3.83 -24.60 11.51
N TYR A 379 2.72 -25.23 11.91
CA TYR A 379 1.45 -25.14 11.17
C TYR A 379 0.42 -24.48 12.03
N ARG A 380 -0.29 -23.48 11.47
CA ARG A 380 -1.38 -22.79 12.23
C ARG A 380 -2.71 -22.77 11.49
N PHE A 381 -3.78 -22.83 12.27
CA PHE A 381 -5.15 -22.40 11.86
C PHE A 381 -5.46 -21.11 12.65
N ILE A 382 -5.90 -20.12 11.91
CA ILE A 382 -6.34 -18.85 12.39
C ILE A 382 -7.78 -18.47 11.86
N ALA A 383 -8.69 -18.20 12.78
CA ALA A 383 -10.02 -17.75 12.50
C ALA A 383 -10.15 -16.31 12.93
N SER A 384 -10.91 -15.55 12.17
CA SER A 384 -11.10 -14.19 12.50
C SER A 384 -12.40 -13.63 11.98
N TYR A 385 -12.89 -12.62 12.68
CA TYR A 385 -14.18 -12.03 12.52
C TYR A 385 -14.05 -10.53 12.80
N GLY A 386 -14.74 -9.76 12.05
CA GLY A 386 -14.93 -8.36 12.46
C GLY A 386 -16.04 -7.62 11.78
N THR A 387 -16.32 -6.45 12.34
CA THR A 387 -17.26 -5.54 11.74
C THR A 387 -16.56 -4.28 11.31
N SER A 388 -17.28 -3.58 10.46
CA SER A 388 -16.82 -2.34 9.93
C SER A 388 -18.06 -1.49 9.54
N TYR A 389 -17.80 -0.22 9.33
CA TYR A 389 -18.85 0.79 9.24
C TYR A 389 -18.33 1.98 8.46
N LYS A 390 -19.04 2.34 7.39
CA LYS A 390 -18.62 3.48 6.58
C LYS A 390 -19.82 4.40 6.25
N ALA A 391 -19.78 5.63 6.77
CA ALA A 391 -20.86 6.61 6.55
C ALA A 391 -20.66 7.23 5.19
N PRO A 392 -21.76 7.61 4.49
CA PRO A 392 -21.55 8.33 3.26
C PRO A 392 -20.77 9.61 3.61
N ASN A 393 -19.96 10.05 2.66
CA ASN A 393 -19.43 11.37 2.61
C ASN A 393 -20.56 12.44 2.40
N LEU A 394 -20.31 13.67 2.85
CA LEU A 394 -21.41 14.61 3.00
C LEU A 394 -21.86 15.09 1.65
N GLY A 395 -20.96 14.95 0.67
CA GLY A 395 -21.28 15.11 -0.71
C GLY A 395 -22.39 14.22 -1.23
N GLN A 396 -22.33 12.94 -0.85
CA GLN A 396 -23.31 11.92 -1.23
C GLN A 396 -24.68 12.10 -0.58
N LEU A 397 -24.72 12.83 0.53
CA LEU A 397 -25.96 13.35 1.16
C LEU A 397 -26.48 14.69 0.66
N TYR A 398 -25.61 15.69 0.58
CA TYR A 398 -26.04 17.09 0.46
C TYR A 398 -25.67 17.82 -0.76
N GLY A 399 -24.81 17.30 -1.62
CA GLY A 399 -24.46 18.01 -2.85
C GLY A 399 -25.40 17.82 -4.03
N PHE A 400 -25.01 18.26 -5.25
CA PHE A 400 -25.80 18.07 -6.43
C PHE A 400 -26.23 16.62 -6.60
N TYR A 401 -25.37 15.68 -6.21
CA TYR A 401 -25.61 14.26 -6.49
C TYR A 401 -26.15 13.54 -5.33
N GLY A 402 -26.59 14.25 -4.32
CA GLY A 402 -26.83 13.69 -3.04
C GLY A 402 -28.21 13.28 -2.72
N ASN A 403 -28.32 12.42 -1.73
CA ASN A 403 -29.54 11.85 -1.27
C ASN A 403 -29.46 11.92 0.26
N PRO A 404 -30.18 12.88 0.89
CA PRO A 404 -29.96 13.17 2.31
C PRO A 404 -30.40 12.03 3.22
N ASN A 405 -31.15 11.07 2.70
CA ASN A 405 -31.47 9.90 3.48
C ASN A 405 -30.58 8.69 3.20
N LEU A 406 -29.39 8.86 2.62
CA LEU A 406 -28.49 7.74 2.46
C LEU A 406 -28.10 7.14 3.83
N ASP A 407 -28.21 5.83 3.96
CA ASP A 407 -27.75 5.06 5.11
C ASP A 407 -26.24 4.68 4.96
N PRO A 408 -25.50 4.54 6.10
CA PRO A 408 -24.12 4.04 6.13
C PRO A 408 -23.96 2.58 5.59
N GLU A 409 -22.85 2.28 4.97
CA GLU A 409 -22.52 0.84 4.67
C GLU A 409 -21.98 0.12 5.95
N LYS A 410 -22.50 -1.06 6.26
CA LYS A 410 -22.03 -1.86 7.38
C LYS A 410 -21.58 -3.22 6.85
N SER A 411 -20.53 -3.79 7.44
CA SER A 411 -19.85 -5.00 6.98
C SER A 411 -19.67 -5.95 8.14
N LYS A 412 -20.12 -7.18 7.94
CA LYS A 412 -19.65 -8.30 8.70
C LYS A 412 -18.83 -9.25 7.88
N GLN A 413 -17.78 -9.78 8.52
CA GLN A 413 -16.70 -10.32 7.71
C GLN A 413 -16.03 -11.46 8.51
N TRP A 414 -15.84 -12.62 7.90
CA TRP A 414 -15.04 -13.68 8.53
C TRP A 414 -14.05 -14.32 7.61
N GLU A 415 -13.05 -14.95 8.22
CA GLU A 415 -11.93 -15.55 7.49
C GLU A 415 -11.40 -16.74 8.31
N GLY A 416 -11.03 -17.79 7.59
CA GLY A 416 -10.38 -18.95 8.16
C GLY A 416 -9.18 -19.25 7.30
N ALA A 417 -7.99 -19.37 7.94
CA ALA A 417 -6.72 -19.49 7.27
C ALA A 417 -5.83 -20.59 7.86
N PHE A 418 -5.13 -21.34 7.01
CA PHE A 418 -4.03 -22.23 7.40
C PHE A 418 -2.69 -21.67 6.90
N GLU A 419 -1.64 -21.71 7.72
CA GLU A 419 -0.33 -21.32 7.24
C GLU A 419 0.68 -22.42 7.62
N GLY A 420 1.75 -22.53 6.89
CA GLY A 420 2.67 -23.54 7.18
C GLY A 420 4.01 -23.22 6.64
N LEU A 421 4.97 -24.01 7.07
CA LEU A 421 6.26 -24.00 6.48
C LEU A 421 6.54 -25.44 6.17
N THR A 422 6.70 -25.75 4.91
CA THR A 422 6.79 -27.15 4.46
C THR A 422 7.90 -27.22 3.43
N ALA A 423 8.99 -27.93 3.73
CA ALA A 423 10.11 -28.15 2.78
C ALA A 423 10.62 -26.87 2.17
N GLY A 424 10.86 -25.86 3.00
CA GLY A 424 11.38 -24.59 2.50
C GLY A 424 10.31 -23.66 1.92
N VAL A 425 9.05 -24.06 1.95
CA VAL A 425 7.96 -23.19 1.41
C VAL A 425 7.10 -22.62 2.49
N ASN A 426 7.11 -21.32 2.60
CA ASN A 426 6.19 -20.60 3.49
C ASN A 426 4.89 -20.35 2.73
N TRP A 427 3.79 -20.98 3.15
CA TRP A 427 2.55 -20.91 2.47
C TRP A 427 1.44 -20.47 3.43
N ARG A 428 0.43 -19.87 2.84
CA ARG A 428 -0.80 -19.56 3.52
C ARG A 428 -2.00 -19.74 2.56
N ILE A 429 -3.13 -20.30 3.02
CA ILE A 429 -4.35 -20.39 2.24
C ILE A 429 -5.50 -19.99 3.16
N SER A 430 -6.36 -19.05 2.72
CA SER A 430 -7.56 -18.70 3.45
C SER A 430 -8.78 -18.51 2.57
N GLY A 431 -9.94 -18.71 3.20
CA GLY A 431 -11.19 -18.38 2.61
C GLY A 431 -11.83 -17.35 3.47
N TYR A 432 -12.53 -16.42 2.84
CA TYR A 432 -13.13 -15.27 3.48
C TYR A 432 -14.52 -14.99 2.92
N ARG A 433 -15.36 -14.40 3.74
CA ARG A 433 -16.70 -13.94 3.34
C ARG A 433 -16.90 -12.54 3.91
N ASN A 434 -17.52 -11.64 3.12
CA ASN A 434 -17.77 -10.26 3.52
C ASN A 434 -19.23 -10.01 3.08
N ASP A 435 -20.07 -9.73 4.05
CA ASP A 435 -21.41 -9.24 3.78
C ASP A 435 -21.54 -7.77 4.13
N VAL A 436 -21.62 -6.92 3.11
CA VAL A 436 -21.73 -5.51 3.22
C VAL A 436 -23.17 -4.97 2.97
N SER A 437 -23.80 -4.45 3.98
CA SER A 437 -25.21 -4.05 3.94
C SER A 437 -25.27 -2.63 3.42
N ASP A 438 -26.35 -2.31 2.72
CA ASP A 438 -26.73 -0.94 2.31
C ASP A 438 -25.70 -0.34 1.39
N LEU A 439 -25.18 -1.24 0.57
CA LEU A 439 -24.23 -0.92 -0.43
C LEU A 439 -24.63 0.31 -1.22
N ILE A 440 -23.71 1.29 -1.29
CA ILE A 440 -23.98 2.58 -1.92
C ILE A 440 -23.55 2.53 -3.41
N ASP A 441 -24.48 2.90 -4.32
CA ASP A 441 -24.06 3.14 -5.72
C ASP A 441 -24.66 4.46 -6.27
N TYR A 442 -24.10 4.89 -7.40
CA TYR A 442 -24.50 6.06 -8.13
C TYR A 442 -25.39 5.60 -9.25
N ASP A 443 -26.51 6.30 -9.42
CA ASP A 443 -27.50 5.99 -10.42
C ASP A 443 -27.35 6.98 -11.59
N ASP A 444 -27.02 6.43 -12.76
CA ASP A 444 -26.78 7.14 -14.01
C ASP A 444 -28.02 7.76 -14.50
N HIS A 445 -29.13 7.08 -14.29
CA HIS A 445 -30.42 7.57 -14.77
C HIS A 445 -30.75 8.92 -14.07
N THR A 446 -30.94 8.86 -12.74
CA THR A 446 -31.35 10.01 -11.88
C THR A 446 -30.21 10.95 -11.35
N LEU A 447 -28.95 10.59 -11.61
CA LEU A 447 -27.78 11.34 -11.16
C LEU A 447 -27.75 11.58 -9.62
N LYS A 448 -28.03 10.52 -8.87
CA LYS A 448 -28.04 10.54 -7.39
C LYS A 448 -27.50 9.26 -6.82
N TYR A 449 -26.95 9.28 -5.61
CA TYR A 449 -26.54 8.13 -4.87
C TYR A 449 -27.68 7.53 -4.13
N TYR A 450 -27.68 6.21 -4.07
CA TYR A 450 -28.65 5.41 -3.33
C TYR A 450 -28.06 4.21 -2.67
N ASN A 451 -28.79 3.67 -1.70
CA ASN A 451 -28.43 2.38 -1.10
C ASN A 451 -29.04 1.30 -1.98
N GLU A 452 -28.25 0.28 -2.36
CA GLU A 452 -28.66 -0.67 -3.40
C GLU A 452 -28.73 -2.11 -2.88
N GLY A 453 -28.85 -2.25 -1.56
CA GLY A 453 -29.08 -3.55 -0.94
C GLY A 453 -27.76 -4.04 -0.36
N LYS A 454 -27.43 -5.27 -0.58
CA LYS A 454 -26.37 -5.94 0.15
C LYS A 454 -25.45 -6.53 -0.85
N ALA A 455 -24.18 -6.58 -0.51
CA ALA A 455 -23.19 -7.26 -1.34
C ALA A 455 -22.70 -8.46 -0.58
N ARG A 456 -22.46 -9.53 -1.31
CA ARG A 456 -21.89 -10.73 -0.70
C ARG A 456 -20.65 -11.11 -1.43
N ILE A 457 -19.54 -11.17 -0.71
CA ILE A 457 -18.21 -11.47 -1.26
C ILE A 457 -17.74 -12.77 -0.63
N LYS A 458 -17.40 -13.72 -1.48
CA LYS A 458 -16.67 -14.83 -1.02
C LYS A 458 -15.34 -14.91 -1.79
N GLY A 459 -14.26 -15.31 -1.09
CA GLY A 459 -12.97 -15.35 -1.72
C GLY A 459 -12.01 -16.38 -1.15
N VAL A 460 -10.90 -16.61 -1.87
CA VAL A 460 -9.79 -17.49 -1.46
C VAL A 460 -8.52 -16.74 -1.65
N GLU A 461 -7.64 -16.71 -0.65
CA GLU A 461 -6.35 -16.08 -0.85
C GLU A 461 -5.27 -17.15 -0.58
N ALA A 462 -4.38 -17.36 -1.52
CA ALA A 462 -3.28 -18.27 -1.40
C ALA A 462 -1.95 -17.59 -1.70
N THR A 463 -0.96 -17.80 -0.80
CA THR A 463 0.39 -17.29 -0.99
C THR A 463 1.47 -18.40 -0.73
N ALA A 464 2.61 -18.27 -1.36
CA ALA A 464 3.77 -19.16 -1.18
C ALA A 464 5.03 -18.37 -1.45
N ASN A 465 6.04 -18.42 -0.56
CA ASN A 465 7.37 -18.05 -0.96
C ASN A 465 8.36 -19.12 -0.57
N PHE A 466 9.34 -19.21 -1.43
CA PHE A 466 10.32 -20.34 -1.40
C PHE A 466 11.48 -19.98 -2.28
N ASP A 467 12.61 -20.63 -2.08
CA ASP A 467 13.84 -20.35 -2.83
C ASP A 467 14.23 -21.68 -3.43
N THR A 468 14.58 -21.68 -4.73
CA THR A 468 15.15 -22.83 -5.45
C THR A 468 16.55 -22.40 -5.93
N GLY A 469 17.55 -22.62 -5.06
CA GLY A 469 18.91 -22.30 -5.37
C GLY A 469 19.09 -20.83 -5.46
N PRO A 470 19.65 -20.34 -6.57
CA PRO A 470 19.84 -18.88 -6.71
C PRO A 470 18.49 -18.05 -6.82
N LEU A 471 17.35 -18.72 -7.07
CA LEU A 471 16.07 -18.08 -7.37
C LEU A 471 15.16 -17.92 -6.16
N THR A 472 14.55 -16.75 -6.01
CA THR A 472 13.52 -16.50 -5.02
C THR A 472 12.14 -16.34 -5.64
N HIS A 473 11.17 -17.11 -5.13
CA HIS A 473 9.80 -17.10 -5.70
C HIS A 473 8.82 -16.51 -4.70
N THR A 474 8.00 -15.56 -5.19
CA THR A 474 6.91 -14.93 -4.40
C THR A 474 5.67 -15.08 -5.20
N VAL A 475 4.70 -15.92 -4.74
CA VAL A 475 3.52 -16.20 -5.53
C VAL A 475 2.25 -15.94 -4.74
N SER A 476 1.24 -15.35 -5.41
CA SER A 476 -0.12 -15.32 -4.86
C SER A 476 -1.17 -15.70 -5.86
N TYR A 477 -2.28 -16.22 -5.36
CA TYR A 477 -3.44 -16.56 -6.13
C TYR A 477 -4.60 -15.96 -5.34
N ASP A 478 -5.47 -15.26 -6.04
CA ASP A 478 -6.76 -14.76 -5.48
C ASP A 478 -7.94 -15.19 -6.36
N TYR A 479 -9.04 -15.61 -5.75
CA TYR A 479 -10.29 -15.85 -6.38
C TYR A 479 -11.24 -14.97 -5.62
N VAL A 480 -12.05 -14.16 -6.33
CA VAL A 480 -13.12 -13.37 -5.67
C VAL A 480 -14.43 -13.48 -6.47
N ASP A 481 -15.49 -13.83 -5.76
CA ASP A 481 -16.85 -13.79 -6.21
C ASP A 481 -17.61 -12.69 -5.46
N ALA A 482 -17.69 -11.55 -6.06
CA ALA A 482 -18.26 -10.33 -5.45
C ALA A 482 -19.56 -10.11 -6.15
N ARG A 483 -20.66 -10.31 -5.46
CA ARG A 483 -21.98 -10.06 -6.07
C ARG A 483 -22.95 -9.20 -5.26
N ASN A 484 -23.82 -8.51 -5.99
CA ASN A 484 -24.94 -7.89 -5.38
C ASN A 484 -25.89 -9.01 -5.08
N ALA A 485 -26.22 -9.16 -3.81
CA ALA A 485 -26.92 -10.34 -3.33
C ALA A 485 -28.37 -10.30 -3.75
N ILE A 486 -28.89 -9.12 -4.05
CA ILE A 486 -30.31 -9.00 -4.36
C ILE A 486 -30.52 -9.48 -5.81
N THR A 487 -29.60 -9.13 -6.71
CA THR A 487 -29.78 -9.44 -8.11
C THR A 487 -28.85 -10.56 -8.57
N ASP A 488 -28.01 -11.04 -7.64
CA ASP A 488 -26.96 -12.01 -7.91
C ASP A 488 -26.09 -11.57 -9.08
N THR A 489 -25.99 -10.30 -9.34
CA THR A 489 -25.17 -9.83 -10.42
C THR A 489 -23.76 -9.41 -9.97
N PRO A 490 -22.73 -9.90 -10.69
CA PRO A 490 -21.38 -9.62 -10.29
C PRO A 490 -21.14 -8.14 -10.25
N LEU A 491 -20.35 -7.70 -9.26
CA LEU A 491 -19.97 -6.34 -9.12
C LEU A 491 -18.92 -6.04 -10.17
N LEU A 492 -19.01 -4.83 -10.71
CA LEU A 492 -18.19 -4.45 -11.84
C LEU A 492 -16.75 -4.16 -11.51
N ARG A 493 -15.92 -4.33 -12.55
CA ARG A 493 -14.46 -4.10 -12.61
C ARG A 493 -13.59 -4.89 -11.68
N ARG A 494 -14.13 -5.89 -11.04
CA ARG A 494 -13.39 -6.82 -10.24
C ARG A 494 -13.08 -8.10 -11.01
N ALA A 495 -11.80 -8.39 -11.11
CA ALA A 495 -11.30 -9.66 -11.67
C ALA A 495 -11.69 -10.86 -10.78
N LYS A 496 -12.23 -11.91 -11.37
CA LYS A 496 -12.64 -13.16 -10.65
C LYS A 496 -11.39 -13.86 -10.11
N GLN A 497 -10.26 -13.74 -10.84
CA GLN A 497 -9.03 -14.45 -10.53
C GLN A 497 -7.84 -13.60 -10.79
N GLN A 498 -6.83 -13.71 -9.93
CA GLN A 498 -5.48 -13.18 -10.27
C GLN A 498 -4.37 -14.08 -9.82
N VAL A 499 -3.29 -14.09 -10.61
CA VAL A 499 -2.06 -14.77 -10.27
C VAL A 499 -0.94 -13.75 -10.34
N LYS A 500 -0.09 -13.73 -9.33
CA LYS A 500 1.05 -12.85 -9.28
C LYS A 500 2.28 -13.68 -8.91
N TYR A 501 3.35 -13.50 -9.64
CA TYR A 501 4.48 -14.35 -9.50
C TYR A 501 5.66 -13.44 -9.71
N GLN A 502 6.47 -13.27 -8.64
CA GLN A 502 7.78 -12.64 -8.73
C GLN A 502 8.92 -13.66 -8.64
N LEU A 503 9.88 -13.51 -9.54
CA LEU A 503 11.05 -14.37 -9.61
C LEU A 503 12.32 -13.51 -9.65
N ASP A 504 13.17 -13.63 -8.60
CA ASP A 504 14.38 -12.84 -8.37
C ASP A 504 15.64 -13.70 -8.33
N TRP A 505 16.75 -13.21 -8.90
CA TRP A 505 18.00 -13.94 -8.82
C TRP A 505 19.09 -12.98 -9.21
N GLN A 506 20.32 -13.33 -8.83
CA GLN A 506 21.50 -12.61 -9.27
C GLN A 506 22.43 -13.63 -9.90
N LEU A 507 23.13 -13.16 -10.88
CA LEU A 507 24.16 -13.93 -11.56
C LEU A 507 25.12 -12.90 -12.08
N TYR A 508 26.39 -13.03 -11.69
CA TYR A 508 27.49 -12.20 -12.13
C TYR A 508 27.28 -10.74 -11.79
N ASP A 509 26.75 -10.54 -10.60
CA ASP A 509 26.36 -9.25 -9.98
C ASP A 509 25.24 -8.49 -10.61
N PHE A 510 24.60 -9.06 -11.63
CA PHE A 510 23.36 -8.54 -12.16
C PHE A 510 22.19 -9.08 -11.35
N ASP A 511 21.31 -8.21 -10.88
CA ASP A 511 20.18 -8.59 -10.05
C ASP A 511 18.97 -8.50 -10.96
N TRP A 512 18.31 -9.63 -11.21
CA TRP A 512 17.23 -9.70 -12.14
C TRP A 512 15.91 -9.94 -11.37
N GLY A 513 14.82 -9.45 -11.96
CA GLY A 513 13.49 -9.74 -11.49
C GLY A 513 12.52 -9.96 -12.69
N ILE A 514 11.76 -11.02 -12.66
CA ILE A 514 10.67 -11.21 -13.58
C ILE A 514 9.36 -11.07 -12.81
N THR A 515 8.41 -10.28 -13.29
CA THR A 515 7.09 -10.20 -12.71
C THR A 515 6.06 -10.74 -13.69
N TYR A 516 5.31 -11.78 -13.33
CA TYR A 516 4.22 -12.22 -14.13
C TYR A 516 2.94 -11.84 -13.43
N GLN A 517 1.94 -11.37 -14.17
CA GLN A 517 0.60 -11.21 -13.63
C GLN A 517 -0.50 -11.78 -14.56
N TYR A 518 -1.41 -12.60 -14.03
CA TYR A 518 -2.64 -12.98 -14.70
C TYR A 518 -3.82 -12.19 -14.10
N LEU A 519 -4.49 -11.41 -14.95
CA LEU A 519 -5.72 -10.71 -14.59
C LEU A 519 -6.86 -11.44 -15.25
N GLY A 520 -7.73 -12.02 -14.42
CA GLY A 520 -8.86 -12.72 -14.88
C GLY A 520 -10.02 -11.87 -15.37
N THR A 521 -11.13 -12.58 -15.51
CA THR A 521 -12.37 -12.11 -16.09
C THR A 521 -12.97 -11.02 -15.30
N ARG A 522 -13.37 -9.97 -16.03
CA ARG A 522 -13.84 -8.73 -15.38
C ARG A 522 -15.05 -8.17 -16.19
N TYR A 523 -16.07 -7.63 -15.50
CA TYR A 523 -17.18 -6.94 -16.15
C TYR A 523 -17.01 -5.43 -15.96
N ASP A 524 -17.46 -4.69 -16.95
CA ASP A 524 -17.45 -3.28 -16.95
C ASP A 524 -18.60 -2.81 -17.79
N LYS A 525 -18.90 -1.54 -17.66
CA LYS A 525 -20.04 -0.87 -18.33
C LYS A 525 -19.53 -0.14 -19.55
N ASP A 526 -20.22 -0.33 -20.68
CA ASP A 526 -19.96 0.38 -21.91
C ASP A 526 -20.81 1.64 -21.95
N TYR A 527 -20.15 2.80 -21.85
CA TYR A 527 -20.79 4.12 -21.82
C TYR A 527 -21.09 4.74 -23.22
N SER A 528 -20.69 4.06 -24.31
CA SER A 528 -20.86 4.61 -25.69
C SER A 528 -22.28 4.71 -26.18
N SER A 529 -23.19 3.94 -25.58
CA SER A 529 -24.60 4.07 -25.88
C SER A 529 -25.47 3.65 -24.67
N TYR A 530 -26.55 4.43 -24.48
CA TYR A 530 -27.57 4.22 -23.43
C TYR A 530 -28.77 3.35 -23.97
N PRO A 531 -29.30 2.42 -23.14
CA PRO A 531 -28.91 2.08 -21.78
C PRO A 531 -27.55 1.39 -21.75
N TYR A 532 -26.80 1.59 -20.68
CA TYR A 532 -25.39 1.25 -20.70
C TYR A 532 -25.25 -0.23 -20.46
N GLN A 533 -24.77 -0.98 -21.45
CA GLN A 533 -24.61 -2.41 -21.28
C GLN A 533 -23.31 -2.83 -20.53
N THR A 534 -23.34 -4.04 -20.03
CA THR A 534 -22.22 -4.65 -19.41
C THR A 534 -21.46 -5.45 -20.42
N VAL A 535 -20.18 -5.23 -20.47
CA VAL A 535 -19.27 -6.03 -21.29
C VAL A 535 -18.45 -6.90 -20.33
N LYS A 536 -17.96 -8.02 -20.84
CA LYS A 536 -17.02 -8.90 -20.14
C LYS A 536 -15.66 -8.84 -20.83
N MET A 537 -14.61 -8.60 -20.05
CA MET A 537 -13.27 -8.55 -20.60
C MET A 537 -12.61 -9.89 -20.23
N GLY A 538 -11.95 -10.54 -21.21
CA GLY A 538 -11.22 -11.79 -20.97
C GLY A 538 -9.93 -11.61 -20.11
N GLY A 539 -9.52 -12.69 -19.51
CA GLY A 539 -8.23 -12.74 -18.84
C GLY A 539 -7.02 -12.51 -19.73
N VAL A 540 -6.00 -11.89 -19.16
CA VAL A 540 -4.71 -11.59 -19.80
C VAL A 540 -3.51 -11.81 -18.87
N SER A 541 -2.41 -12.17 -19.53
CA SER A 541 -1.11 -12.38 -18.94
C SER A 541 -0.17 -11.28 -19.33
N LEU A 542 0.50 -10.73 -18.34
CA LEU A 542 1.49 -9.66 -18.52
C LEU A 542 2.81 -10.00 -17.83
N TRP A 543 3.88 -9.54 -18.45
CA TRP A 543 5.24 -9.85 -18.08
C TRP A 543 6.02 -8.55 -18.00
N ASP A 544 6.88 -8.37 -16.97
CA ASP A 544 7.82 -7.29 -16.83
C ASP A 544 9.19 -7.93 -16.59
N LEU A 545 10.26 -7.28 -17.02
CA LEU A 545 11.61 -7.76 -16.82
C LEU A 545 12.41 -6.59 -16.29
N ALA A 546 13.14 -6.77 -15.19
CA ALA A 546 13.99 -5.72 -14.60
C ALA A 546 15.39 -6.24 -14.21
N VAL A 547 16.40 -5.40 -14.47
CA VAL A 547 17.76 -5.69 -14.15
C VAL A 547 18.41 -4.44 -13.47
N ALA A 548 19.32 -4.73 -12.55
CA ALA A 548 20.10 -3.75 -11.77
C ALA A 548 21.59 -4.22 -11.78
N TYR A 549 22.52 -3.29 -11.87
CA TYR A 549 23.95 -3.62 -11.84
C TYR A 549 24.67 -2.57 -10.99
N PRO A 550 25.43 -3.01 -9.95
CA PRO A 550 26.22 -2.05 -9.15
C PRO A 550 27.52 -1.72 -9.88
N VAL A 551 27.53 -0.63 -10.61
CA VAL A 551 28.68 -0.30 -11.41
C VAL A 551 29.89 -0.08 -10.52
N THR A 552 29.67 0.63 -9.42
CA THR A 552 30.67 0.82 -8.36
C THR A 552 29.91 0.70 -7.08
N SER A 553 30.60 0.90 -5.97
CA SER A 553 30.00 0.79 -4.63
C SER A 553 28.94 1.93 -4.40
N HIS A 554 29.09 3.06 -5.12
CA HIS A 554 28.18 4.20 -4.96
C HIS A 554 27.15 4.28 -6.13
N LEU A 555 27.42 3.66 -7.28
CA LEU A 555 26.59 3.83 -8.50
C LEU A 555 25.93 2.49 -8.94
N THR A 556 24.61 2.50 -9.03
CA THR A 556 23.87 1.42 -9.59
C THR A 556 23.07 1.90 -10.77
N VAL A 557 23.09 1.16 -11.87
CA VAL A 557 22.28 1.42 -13.05
C VAL A 557 21.19 0.31 -13.17
N ARG A 558 20.01 0.72 -13.61
CA ARG A 558 18.88 -0.15 -13.61
C ARG A 558 18.19 0.05 -14.92
N GLY A 559 17.54 -0.99 -15.39
CA GLY A 559 16.76 -0.96 -16.63
C GLY A 559 15.55 -1.80 -16.42
N LYS A 560 14.43 -1.44 -17.09
CA LYS A 560 13.15 -2.18 -16.93
C LYS A 560 12.40 -2.27 -18.31
N ILE A 561 11.78 -3.42 -18.59
CA ILE A 561 10.75 -3.50 -19.65
C ILE A 561 9.43 -3.91 -19.06
N ALA A 562 8.44 -3.00 -19.08
CA ALA A 562 7.15 -3.27 -18.55
C ALA A 562 6.28 -3.76 -19.69
N ASN A 563 5.45 -4.75 -19.46
CA ASN A 563 4.69 -5.37 -20.55
C ASN A 563 5.62 -5.73 -21.72
N LEU A 564 6.42 -6.75 -21.47
CA LEU A 564 7.44 -7.22 -22.36
C LEU A 564 6.96 -7.76 -23.73
N PHE A 565 5.81 -8.46 -23.76
CA PHE A 565 5.16 -8.89 -25.01
C PHE A 565 4.14 -7.85 -25.63
N ASP A 566 4.15 -6.61 -25.13
CA ASP A 566 3.34 -5.54 -25.67
C ASP A 566 1.90 -6.11 -25.83
N LYS A 567 1.41 -6.80 -24.82
CA LYS A 567 -0.01 -7.23 -24.75
C LYS A 567 -1.00 -6.02 -24.68
N ASP A 568 -2.00 -6.00 -25.57
CA ASP A 568 -3.13 -5.04 -25.47
C ASP A 568 -4.09 -5.48 -24.43
N TYR A 569 -4.52 -4.57 -23.57
CA TYR A 569 -5.51 -4.93 -22.62
C TYR A 569 -6.00 -3.65 -22.00
N GLU A 570 -7.02 -3.76 -21.17
CA GLU A 570 -7.62 -2.60 -20.48
C GLU A 570 -8.08 -3.13 -19.10
N THR A 571 -7.92 -2.33 -18.03
CA THR A 571 -8.58 -2.61 -16.76
C THR A 571 -9.94 -1.85 -16.60
N VAL A 572 -10.07 -0.73 -17.29
CA VAL A 572 -11.36 -0.01 -17.44
C VAL A 572 -11.68 0.04 -18.94
N TYR A 573 -12.90 -0.40 -19.31
CA TYR A 573 -13.30 -0.46 -20.71
C TYR A 573 -13.22 0.95 -21.39
N GLY A 574 -12.60 1.01 -22.58
CA GLY A 574 -12.32 2.25 -23.26
C GLY A 574 -11.03 3.03 -23.01
N TYR A 575 -10.33 2.70 -21.93
CA TYR A 575 -9.13 3.44 -21.50
C TYR A 575 -7.89 2.63 -21.79
N GLN A 576 -7.11 3.13 -22.74
CA GLN A 576 -5.96 2.39 -23.23
C GLN A 576 -4.87 2.29 -22.13
N THR A 577 -4.14 1.19 -22.15
CA THR A 577 -3.03 0.91 -21.20
C THR A 577 -1.80 1.16 -22.02
N ALA A 578 -0.59 1.19 -21.39
CA ALA A 578 0.65 1.70 -22.06
C ALA A 578 1.20 0.91 -23.21
N GLY A 579 1.04 -0.40 -23.19
CA GLY A 579 1.86 -1.15 -24.18
C GLY A 579 3.28 -1.26 -23.60
N ARG A 580 4.18 -1.81 -24.40
CA ARG A 580 5.52 -2.06 -23.93
C ARG A 580 6.29 -0.76 -23.67
N GLU A 581 6.88 -0.65 -22.48
CA GLU A 581 7.56 0.57 -22.02
C GLU A 581 8.94 0.23 -21.45
N TYR A 582 9.94 1.03 -21.80
CA TYR A 582 11.31 0.90 -21.38
C TYR A 582 11.70 2.03 -20.40
N THR A 583 12.45 1.67 -19.38
CA THR A 583 13.00 2.64 -18.44
C THR A 583 14.46 2.33 -18.19
N LEU A 584 15.26 3.40 -18.16
CA LEU A 584 16.68 3.36 -17.70
C LEU A 584 16.83 4.34 -16.60
N SER A 585 17.44 3.92 -15.50
CA SER A 585 17.72 4.80 -14.34
C SER A 585 19.06 4.56 -13.66
N GLY A 586 19.44 5.50 -12.80
CA GLY A 586 20.70 5.43 -12.09
C GLY A 586 20.51 5.97 -10.68
N SER A 587 21.26 5.42 -9.73
CA SER A 587 21.23 5.94 -8.40
C SER A 587 22.69 6.03 -7.93
N TYR A 588 23.11 7.21 -7.52
CA TYR A 588 24.41 7.49 -6.93
C TYR A 588 24.17 7.88 -5.46
N THR A 589 24.83 7.12 -4.60
CA THR A 589 24.61 7.05 -3.19
C THR A 589 25.93 7.46 -2.50
N PHE A 590 25.80 8.22 -1.42
CA PHE A 590 26.94 8.62 -0.59
C PHE A 590 26.50 9.27 0.72
N PRO B 1 37.53 -19.78 4.87
CA PRO B 1 36.64 -18.66 4.55
C PRO B 1 36.56 -17.59 5.66
N ARG B 2 36.66 -16.31 5.27
CA ARG B 2 36.43 -15.22 6.22
C ARG B 2 35.40 -14.22 5.70
N ALA B 3 34.55 -13.77 6.62
CA ALA B 3 33.40 -12.92 6.33
C ALA B 3 33.83 -11.48 6.14
N LEU B 4 33.25 -10.79 5.17
CA LEU B 4 33.59 -9.39 4.85
C LEU B 4 32.43 -8.46 5.22
N SER B 5 31.21 -8.86 4.87
CA SER B 5 30.01 -8.17 5.31
C SER B 5 28.90 -9.22 5.46
N ARG B 6 28.23 -9.22 6.60
CA ARG B 6 27.08 -10.12 6.85
C ARG B 6 25.88 -9.36 7.40
N ASN B 7 25.27 -8.59 6.52
CA ASN B 7 24.02 -7.92 6.81
C ASN B 7 23.10 -8.68 7.77
N GLN B 8 22.53 -7.93 8.70
CA GLN B 8 21.84 -8.52 9.83
C GLN B 8 20.37 -8.84 9.47
N PRO B 9 19.88 -10.06 9.81
CA PRO B 9 18.48 -10.31 9.54
C PRO B 9 17.56 -9.37 10.35
N GLN B 10 16.41 -8.99 9.79
CA GLN B 10 15.40 -8.22 10.50
C GLN B 10 14.72 -9.13 11.49
N TYR B 11 14.21 -8.52 12.56
CA TYR B 11 13.47 -9.24 13.60
C TYR B 11 12.03 -9.34 13.09
N PRO B 12 11.50 -10.55 12.95
CA PRO B 12 10.14 -10.64 12.45
C PRO B 12 9.17 -9.83 13.29
N ALA B 13 8.30 -9.04 12.66
CA ALA B 13 7.25 -8.29 13.37
C ALA B 13 6.37 -9.12 14.33
N ARG B 14 5.97 -10.31 13.94
CA ARG B 14 5.12 -11.16 14.81
C ARG B 14 5.85 -11.62 16.06
N ALA B 15 7.13 -11.94 15.88
CA ALA B 15 8.00 -12.38 16.96
C ALA B 15 8.26 -11.26 17.93
N GLN B 16 8.57 -10.05 17.47
CA GLN B 16 8.73 -8.94 18.39
C GLN B 16 7.43 -8.57 19.12
N ALA B 17 6.32 -8.57 18.38
CA ALA B 17 5.01 -8.28 19.00
C ALA B 17 4.57 -9.30 20.08
N LEU B 18 4.91 -10.57 19.90
CA LEU B 18 4.59 -11.62 20.86
C LEU B 18 5.73 -11.91 21.84
N ARG B 19 6.79 -11.10 21.76
CA ARG B 19 7.91 -11.17 22.66
C ARG B 19 8.63 -12.52 22.54
N ILE B 20 8.80 -13.00 21.31
CA ILE B 20 9.37 -14.29 21.04
C ILE B 20 10.86 -14.18 20.62
N GLU B 21 11.69 -14.98 21.29
CA GLU B 21 13.09 -15.15 20.94
C GLU B 21 13.27 -16.51 20.24
N GLY B 22 14.40 -16.67 19.59
CA GLY B 22 14.78 -17.96 19.15
C GLY B 22 16.07 -17.89 18.40
N GLN B 23 16.23 -18.84 17.50
CA GLN B 23 17.44 -18.96 16.75
C GLN B 23 17.26 -19.79 15.48
N VAL B 24 18.15 -19.58 14.55
CA VAL B 24 18.21 -20.32 13.31
C VAL B 24 19.66 -20.69 13.00
N LYS B 25 19.91 -21.97 12.69
CA LYS B 25 21.25 -22.38 12.29
C LYS B 25 21.28 -22.72 10.80
N VAL B 26 22.28 -22.20 10.13
CA VAL B 26 22.33 -22.13 8.68
C VAL B 26 23.62 -22.85 8.24
N LYS B 27 23.60 -23.45 7.07
CA LYS B 27 24.79 -24.07 6.47
C LYS B 27 24.80 -23.63 5.05
N PHE B 28 25.95 -23.32 4.53
CA PHE B 28 26.08 -22.81 3.15
C PHE B 28 27.49 -22.98 2.61
N ASP B 29 27.71 -22.53 1.37
CA ASP B 29 29.00 -22.65 0.72
C ASP B 29 29.45 -21.26 0.32
N VAL B 30 30.75 -21.15 0.09
CA VAL B 30 31.47 -19.91 -0.17
C VAL B 30 32.16 -20.05 -1.51
N THR B 31 31.67 -19.32 -2.52
CA THR B 31 32.20 -19.41 -3.90
C THR B 31 33.57 -18.77 -3.95
N PRO B 32 34.31 -18.95 -5.07
CA PRO B 32 35.59 -18.29 -5.31
C PRO B 32 35.57 -16.74 -5.20
N ASP B 33 34.49 -16.09 -5.63
CA ASP B 33 34.41 -14.61 -5.66
C ASP B 33 33.88 -13.98 -4.36
N GLY B 34 33.68 -14.81 -3.33
CA GLY B 34 33.15 -14.38 -2.04
C GLY B 34 31.62 -14.35 -1.99
N ARG B 35 30.96 -15.09 -2.88
CA ARG B 35 29.48 -15.22 -2.84
C ARG B 35 29.09 -16.40 -1.88
N VAL B 36 27.97 -16.22 -1.20
CA VAL B 36 27.42 -17.22 -0.31
C VAL B 36 26.35 -17.99 -1.11
N ASP B 37 26.27 -19.29 -0.88
CA ASP B 37 25.81 -20.24 -1.89
C ASP B 37 25.20 -21.46 -1.22
N ASN B 38 24.27 -22.14 -1.88
CA ASN B 38 23.77 -23.43 -1.38
C ASN B 38 23.33 -23.30 0.11
N VAL B 39 22.51 -22.28 0.38
CA VAL B 39 22.07 -22.00 1.75
C VAL B 39 21.03 -23.04 2.18
N GLN B 40 21.25 -23.69 3.31
CA GLN B 40 20.22 -24.52 3.94
C GLN B 40 20.03 -24.11 5.38
N ILE B 41 18.83 -24.37 5.88
CA ILE B 41 18.50 -24.11 7.24
C ILE B 41 18.55 -25.47 7.92
N LEU B 42 19.43 -25.59 8.93
CA LEU B 42 19.69 -26.81 9.63
C LEU B 42 18.75 -27.01 10.80
N SER B 43 18.45 -25.92 11.53
CA SER B 43 17.53 -25.93 12.69
C SER B 43 16.92 -24.55 12.94
N ALA B 44 15.71 -24.51 13.49
CA ALA B 44 15.04 -23.20 13.79
C ALA B 44 14.02 -23.34 14.93
N LYS B 45 14.04 -22.36 15.80
CA LYS B 45 13.37 -22.35 17.10
C LYS B 45 12.78 -20.95 17.16
N PRO B 46 11.44 -20.81 17.26
CA PRO B 46 10.46 -21.85 16.96
C PRO B 46 10.26 -21.92 15.44
N ALA B 47 9.57 -22.97 15.03
CA ALA B 47 9.48 -23.29 13.62
C ALA B 47 8.50 -22.30 12.97
N ASN B 48 8.78 -21.91 11.76
CA ASN B 48 7.90 -21.02 11.00
C ASN B 48 7.82 -19.65 11.69
N MET B 49 8.95 -18.97 11.74
CA MET B 49 9.01 -17.70 12.48
C MET B 49 10.17 -16.85 11.95
N PHE B 50 11.38 -17.42 11.89
CA PHE B 50 12.59 -16.60 11.62
C PHE B 50 13.30 -16.88 10.34
N GLU B 51 12.85 -17.90 9.61
CA GLU B 51 13.56 -18.47 8.47
C GLU B 51 13.65 -17.52 7.32
N ARG B 52 12.53 -16.94 6.97
CA ARG B 52 12.45 -16.13 5.79
C ARG B 52 13.36 -14.90 5.91
N GLU B 53 13.41 -14.31 7.10
CA GLU B 53 14.28 -13.14 7.35
C GLU B 53 15.77 -13.47 7.26
N VAL B 54 16.14 -14.63 7.76
CA VAL B 54 17.49 -15.13 7.59
C VAL B 54 17.85 -15.33 6.11
N LYS B 55 17.07 -16.14 5.38
CA LYS B 55 17.34 -16.37 3.96
C LYS B 55 17.47 -15.11 3.12
N ASN B 56 16.59 -14.15 3.39
CA ASN B 56 16.60 -12.85 2.68
C ASN B 56 17.95 -12.15 2.87
N ALA B 57 18.34 -12.03 4.14
CA ALA B 57 19.54 -11.29 4.52
C ALA B 57 20.74 -11.94 3.84
N MET B 58 20.77 -13.28 3.87
CA MET B 58 21.95 -14.01 3.43
C MET B 58 22.28 -13.82 1.95
N ARG B 59 21.28 -13.46 1.15
CA ARG B 59 21.50 -13.04 -0.26
C ARG B 59 22.61 -11.98 -0.41
N ARG B 60 22.71 -11.12 0.60
CA ARG B 60 23.63 -9.95 0.59
C ARG B 60 25.02 -10.19 1.25
N TRP B 61 25.15 -11.28 1.98
CA TRP B 61 26.40 -11.65 2.63
C TRP B 61 27.55 -11.86 1.63
N ARG B 62 28.68 -11.27 1.97
CA ARG B 62 29.86 -11.31 1.13
C ARG B 62 30.99 -11.75 2.04
N TYR B 63 31.85 -12.60 1.47
CA TYR B 63 33.04 -13.17 2.16
C TYR B 63 34.26 -12.72 1.41
N GLU B 64 35.42 -13.19 1.87
CA GLU B 64 36.71 -12.91 1.24
C GLU B 64 36.87 -13.65 -0.09
N PRO B 65 37.17 -12.90 -1.17
CA PRO B 65 37.70 -13.56 -2.35
C PRO B 65 39.21 -13.81 -2.13
N GLY B 66 39.72 -15.00 -2.45
CA GLY B 66 38.93 -16.20 -2.77
C GLY B 66 39.53 -17.38 -2.02
N LYS B 67 38.85 -17.79 -0.96
CA LYS B 67 39.04 -19.08 -0.34
C LYS B 67 37.63 -19.64 -0.14
N PRO B 68 37.25 -20.65 -0.96
CA PRO B 68 35.95 -21.28 -0.80
C PRO B 68 35.93 -22.25 0.37
N GLY B 69 34.73 -22.75 0.66
CA GLY B 69 34.51 -23.83 1.62
C GLY B 69 33.15 -24.44 1.35
N SER B 70 32.83 -25.53 2.03
CA SER B 70 31.62 -26.26 1.72
C SER B 70 30.61 -25.97 2.86
N GLY B 71 30.23 -26.92 3.70
CA GLY B 71 29.33 -26.60 4.79
C GLY B 71 29.86 -25.64 5.84
N ILE B 72 30.02 -24.35 5.53
CA ILE B 72 30.23 -23.31 6.55
C ILE B 72 28.91 -23.11 7.36
N VAL B 73 28.98 -23.14 8.68
CA VAL B 73 27.78 -23.14 9.55
C VAL B 73 27.75 -21.85 10.37
N VAL B 74 26.61 -21.16 10.39
CA VAL B 74 26.42 -19.99 11.26
C VAL B 74 25.15 -20.13 12.10
N ASN B 75 25.25 -19.87 13.39
CA ASN B 75 24.06 -19.95 14.27
C ASN B 75 23.61 -18.50 14.51
N ILE B 76 22.32 -18.23 14.35
CA ILE B 76 21.87 -16.83 14.44
C ILE B 76 20.89 -16.78 15.57
N LEU B 77 21.13 -15.96 16.56
CA LEU B 77 20.27 -15.91 17.71
C LEU B 77 19.41 -14.63 17.69
N PHE B 78 18.17 -14.77 18.04
CA PHE B 78 17.23 -13.64 18.09
C PHE B 78 16.84 -13.42 19.53
N LYS B 79 17.08 -12.23 20.02
CA LYS B 79 16.91 -11.90 21.39
C LYS B 79 16.15 -10.60 21.47
N ILE B 80 15.32 -10.48 22.48
CA ILE B 80 14.72 -9.20 22.84
C ILE B 80 15.36 -8.82 24.11
N ASN B 81 15.92 -7.61 24.19
CA ASN B 81 16.37 -7.08 25.47
C ASN B 81 15.20 -6.59 26.28
#